data_7LOX
#
_entry.id   7LOX
#
_cell.length_a   129.028
_cell.length_b   129.028
_cell.length_c   88.290
_cell.angle_alpha   90.000
_cell.angle_beta   90.000
_cell.angle_gamma   120.000
#
_symmetry.space_group_name_H-M   'P 31 2 1'
#
loop_
_entity.id
_entity.type
_entity.pdbx_description
1 polymer Agmatinase
2 non-polymer 'MANGANESE (II) ION'
3 non-polymer GUANIDINE
#
_entity_poly.entity_id   1
_entity_poly.type   'polypeptide(L)'
_entity_poly.pdbx_seq_one_letter_code
;MSTLGHQYDNSLVSNAFGFLRLPMNFQPYDSDADWVITGVPFDMATSGRAGGRHGPAAIRQVSTNLAWEHNRFPWNFDMR
ERLNVVDCGDLVYAFGDAREMSEKLQAHAEKLLAAGKRMLSFGGDHFVTLPLLRAHAKHFGKMALVHFDAHTDTYANGCE
FDHGTMFYTAPKEGLIDPNHSVQIGIRTEFDKDNGFTVLDACQVNDRSVDDVIAQVKQIVGDMPVYLTFDIDCLDPAFAP
GTGTPVIGGLTSDRAIKLVRGLKDLNIVGMDVVEVAPAYDQSEITALAAATLALEMLYIQAAKKGE
;
_entity_poly.pdbx_strand_id   A,B,C
#
loop_
_chem_comp.id
_chem_comp.type
_chem_comp.name
_chem_comp.formula
GAI non-polymer GUANIDINE 'C H5 N3'
MN non-polymer 'MANGANESE (II) ION' 'Mn 2'
#
# COMPACT_ATOMS: atom_id res chain seq x y z
N ASN A 15 25.99 16.01 18.80
CA ASN A 15 25.37 15.60 20.05
C ASN A 15 23.85 15.77 19.98
N ALA A 16 23.14 14.61 19.99
CA ALA A 16 21.66 14.53 19.92
C ALA A 16 21.09 14.96 18.57
N PHE A 17 21.93 14.93 17.51
CA PHE A 17 21.62 15.60 16.25
C PHE A 17 21.55 14.67 15.04
N GLY A 18 22.20 13.49 15.08
CA GLY A 18 22.19 12.56 13.97
C GLY A 18 21.02 11.59 13.96
N PHE A 19 21.18 10.54 13.17
CA PHE A 19 20.12 9.55 13.03
C PHE A 19 19.69 9.03 14.40
N LEU A 20 18.37 9.10 14.66
CA LEU A 20 17.74 8.53 15.86
C LEU A 20 18.12 9.33 17.13
N ARG A 21 18.49 10.58 16.90
CA ARG A 21 19.01 11.53 17.90
C ARG A 21 20.32 11.05 18.51
N LEU A 22 21.04 10.16 17.80
CA LEU A 22 22.34 9.70 18.27
C LEU A 22 23.38 10.82 18.19
N PRO A 23 24.52 10.65 18.87
CA PRO A 23 25.57 11.68 18.80
C PRO A 23 26.17 11.80 17.39
N MET A 24 26.30 13.05 16.93
CA MET A 24 27.21 13.35 15.84
C MET A 24 28.63 13.24 16.36
N ASN A 25 29.52 12.74 15.51
CA ASN A 25 30.95 12.71 15.86
C ASN A 25 31.70 12.67 14.54
N PHE A 26 32.25 13.80 14.15
CA PHE A 26 32.87 13.95 12.84
C PHE A 26 34.30 13.48 12.83
N GLN A 27 34.75 12.96 13.95
CA GLN A 27 36.06 12.31 14.07
C GLN A 27 35.81 10.97 14.73
N PRO A 28 35.12 10.05 14.02
CA PRO A 28 34.71 8.80 14.66
C PRO A 28 35.83 7.78 14.71
N TYR A 29 36.92 8.01 13.98
CA TYR A 29 37.89 6.95 13.76
C TYR A 29 38.53 6.50 15.07
N ASP A 30 38.71 7.42 16.01
CA ASP A 30 39.26 7.06 17.31
C ASP A 30 38.23 7.22 18.43
N SER A 31 36.97 7.14 18.08
CA SER A 31 35.91 7.19 19.07
C SER A 31 35.83 5.84 19.77
N ASP A 32 35.09 5.80 20.87
CA ASP A 32 34.75 4.50 21.45
C ASP A 32 33.42 3.98 20.94
N ALA A 33 33.11 4.23 19.67
CA ALA A 33 31.87 3.75 19.07
C ALA A 33 32.11 2.39 18.44
N ASP A 34 31.13 1.50 18.62
CA ASP A 34 31.12 0.19 17.98
C ASP A 34 30.67 0.29 16.53
N TRP A 35 29.57 1.00 16.32
CA TRP A 35 28.91 1.19 15.03
C TRP A 35 28.92 2.67 14.66
N VAL A 36 29.27 2.96 13.40
CA VAL A 36 29.28 4.33 12.88
C VAL A 36 28.30 4.43 11.72
N ILE A 37 27.41 5.40 11.81
CA ILE A 37 26.49 5.69 10.72
C ILE A 37 27.16 6.71 9.81
N THR A 38 27.17 6.42 8.50
CA THR A 38 27.73 7.32 7.50
C THR A 38 26.69 7.55 6.41
N GLY A 39 26.51 8.78 6.02
CA GLY A 39 25.64 9.14 4.90
C GLY A 39 26.52 9.39 3.65
N VAL A 40 26.06 8.87 2.54
CA VAL A 40 26.77 9.07 1.26
C VAL A 40 25.75 9.60 0.25
N PRO A 41 25.66 10.94 0.10
CA PRO A 41 24.73 11.52 -0.90
C PRO A 41 25.32 11.46 -2.24
N PHE A 42 24.78 10.66 -3.16
CA PHE A 42 25.41 10.37 -4.42
C PHE A 42 24.36 9.86 -5.41
N ASP A 43 24.44 10.38 -6.64
CA ASP A 43 23.32 10.49 -7.57
C ASP A 43 21.93 10.33 -6.92
N ALA A 50 16.30 9.15 -10.03
CA ALA A 50 17.22 10.29 -9.88
C ALA A 50 17.09 10.89 -8.51
N GLY A 51 18.03 11.77 -8.13
CA GLY A 51 17.97 12.52 -6.88
C GLY A 51 17.92 11.72 -5.58
N GLY A 52 18.76 10.68 -5.47
CA GLY A 52 18.98 9.94 -4.24
C GLY A 52 20.01 10.55 -3.28
N ARG A 53 20.38 11.82 -3.49
CA ARG A 53 21.34 12.53 -2.63
C ARG A 53 20.76 12.86 -1.25
N HIS A 54 19.46 13.12 -1.19
CA HIS A 54 18.83 13.54 0.03
C HIS A 54 18.32 12.34 0.81
N GLY A 55 18.66 11.15 0.32
CA GLY A 55 18.35 9.91 0.99
C GLY A 55 18.76 9.92 2.44
N PRO A 56 20.05 10.22 2.72
CA PRO A 56 20.47 10.28 4.12
C PRO A 56 19.72 11.32 4.95
N ALA A 57 19.55 12.55 4.43
CA ALA A 57 18.80 13.60 5.13
C ALA A 57 17.39 13.12 5.50
N ALA A 58 16.67 12.63 4.48
CA ALA A 58 15.31 12.15 4.66
C ALA A 58 15.26 11.08 5.72
N ILE A 59 16.21 10.15 5.69
CA ILE A 59 16.22 9.07 6.67
C ILE A 59 16.41 9.62 8.07
N ARG A 60 17.39 10.52 8.24
CA ARG A 60 17.61 11.08 9.57
C ARG A 60 16.40 11.86 10.06
N GLN A 61 15.84 12.73 9.24
CA GLN A 61 14.71 13.54 9.70
C GLN A 61 13.57 12.66 10.20
N VAL A 62 13.21 11.65 9.42
CA VAL A 62 12.05 10.85 9.80
C VAL A 62 12.36 9.94 10.98
N SER A 63 13.64 9.69 11.26
CA SER A 63 14.02 8.70 12.26
C SER A 63 13.57 9.05 13.68
N THR A 64 13.27 10.33 13.94
CA THR A 64 12.85 10.74 15.28
C THR A 64 11.56 10.07 15.69
N ASN A 65 10.71 9.74 14.72
CA ASN A 65 9.56 8.84 14.89
C ASN A 65 9.89 7.59 15.71
N LEU A 66 11.07 7.00 15.51
CA LEU A 66 11.44 5.79 16.23
C LEU A 66 12.14 6.06 17.55
N ALA A 67 12.79 7.23 17.68
CA ALA A 67 13.72 7.48 18.77
C ALA A 67 13.08 7.41 20.15
N TRP A 68 11.79 7.75 20.26
CA TRP A 68 11.16 7.81 21.57
C TRP A 68 11.03 6.46 22.22
N GLU A 69 10.99 5.37 21.44
CA GLU A 69 10.87 4.06 22.03
C GLU A 69 12.17 3.75 22.75
N HIS A 70 12.08 3.44 24.05
CA HIS A 70 13.27 2.99 24.74
C HIS A 70 13.63 1.57 24.29
N ASN A 71 12.66 0.65 24.31
CA ASN A 71 12.81 -0.68 23.69
C ASN A 71 12.02 -0.70 22.39
N ARG A 72 12.71 -0.48 21.27
CA ARG A 72 12.06 -0.54 19.96
C ARG A 72 11.42 -1.89 19.75
N PHE A 73 10.10 -1.87 19.58
CA PHE A 73 9.28 -3.10 19.44
C PHE A 73 9.73 -3.89 18.23
N PRO A 74 9.80 -5.23 18.27
CA PRO A 74 9.30 -6.01 19.38
C PRO A 74 10.38 -6.42 20.38
N TRP A 75 11.56 -5.82 20.31
CA TRP A 75 12.70 -6.20 21.17
C TRP A 75 12.44 -5.85 22.63
N ASN A 76 13.08 -6.60 23.51
CA ASN A 76 12.90 -6.43 24.97
C ASN A 76 14.16 -5.84 25.58
N PHE A 77 14.91 -5.09 24.79
CA PHE A 77 16.14 -4.43 25.26
C PHE A 77 16.36 -3.14 24.48
N ASP A 78 17.31 -2.33 24.90
CA ASP A 78 17.51 -1.05 24.17
C ASP A 78 18.84 -1.10 23.46
N MET A 79 18.81 -1.19 22.13
CA MET A 79 19.99 -1.22 21.26
C MET A 79 21.08 -0.27 21.74
N ARG A 80 20.66 0.93 22.15
CA ARG A 80 21.60 1.98 22.54
C ARG A 80 22.34 1.63 23.82
N GLU A 81 21.75 0.77 24.67
CA GLU A 81 22.43 0.26 25.87
C GLU A 81 23.48 -0.82 25.57
N ARG A 82 23.34 -1.55 24.48
CA ARG A 82 24.30 -2.60 24.16
C ARG A 82 25.37 -2.16 23.17
N LEU A 83 25.16 -1.07 22.44
CA LEU A 83 26.08 -0.68 21.39
C LEU A 83 26.35 0.82 21.48
N ASN A 84 27.59 1.24 21.29
CA ASN A 84 27.85 2.67 21.06
C ASN A 84 27.71 2.94 19.58
N VAL A 85 26.64 3.63 19.20
CA VAL A 85 26.43 4.02 17.80
C VAL A 85 26.62 5.53 17.71
N VAL A 86 27.41 5.97 16.73
CA VAL A 86 27.53 7.40 16.46
C VAL A 86 27.27 7.65 14.98
N ASP A 87 26.76 8.84 14.70
CA ASP A 87 26.51 9.28 13.32
C ASP A 87 27.62 10.27 12.97
N CYS A 88 28.42 9.96 11.95
CA CYS A 88 29.52 10.83 11.56
C CYS A 88 29.18 11.78 10.42
N GLY A 89 27.89 11.96 10.09
CA GLY A 89 27.51 12.89 9.04
C GLY A 89 27.66 12.30 7.64
N ASP A 90 27.87 13.16 6.66
CA ASP A 90 27.91 12.76 5.26
C ASP A 90 29.32 12.82 4.72
N LEU A 91 29.59 11.98 3.73
CA LEU A 91 30.90 11.90 3.12
C LEU A 91 31.13 13.12 2.23
N VAL A 92 32.18 13.89 2.51
CA VAL A 92 32.52 15.06 1.68
C VAL A 92 33.40 14.61 0.52
N TYR A 93 33.04 15.06 -0.67
CA TYR A 93 33.76 14.71 -1.90
C TYR A 93 33.38 15.75 -2.95
N ALA A 94 34.25 15.91 -3.96
CA ALA A 94 34.03 16.87 -5.04
C ALA A 94 32.69 16.63 -5.72
N PHE A 95 31.91 17.71 -5.84
CA PHE A 95 30.44 17.61 -5.89
C PHE A 95 29.97 16.61 -6.95
N GLY A 96 30.50 16.73 -8.15
CA GLY A 96 30.06 15.89 -9.24
C GLY A 96 30.97 14.69 -9.42
N ASP A 97 32.20 14.79 -8.91
CA ASP A 97 33.20 13.74 -9.12
C ASP A 97 32.78 12.44 -8.45
N ALA A 98 32.62 11.37 -9.22
CA ALA A 98 32.22 10.08 -8.66
C ALA A 98 33.43 9.23 -8.31
N ARG A 99 34.46 9.28 -9.16
CA ARG A 99 35.70 8.63 -8.79
C ARG A 99 36.23 9.18 -7.47
N GLU A 100 35.89 10.42 -7.10
CA GLU A 100 36.33 10.84 -5.78
C GLU A 100 35.49 10.21 -4.67
N MET A 101 34.17 10.15 -4.91
CA MET A 101 33.27 9.54 -3.96
C MET A 101 33.72 8.11 -3.65
N SER A 102 34.16 7.37 -4.66
CA SER A 102 34.50 5.98 -4.39
C SER A 102 35.78 5.92 -3.56
N GLU A 103 36.83 6.62 -3.98
CA GLU A 103 38.09 6.54 -3.26
C GLU A 103 37.97 7.11 -1.85
N LYS A 104 37.34 8.27 -1.74
CA LYS A 104 37.08 8.81 -0.40
C LYS A 104 36.23 7.85 0.43
N LEU A 105 35.29 7.12 -0.18
CA LEU A 105 34.40 6.27 0.59
C LEU A 105 35.08 4.97 1.05
N GLN A 106 35.82 4.35 0.14
CA GLN A 106 36.59 3.19 0.55
C GLN A 106 37.60 3.55 1.64
N ALA A 107 38.26 4.71 1.52
CA ALA A 107 39.26 5.11 2.52
C ALA A 107 38.59 5.32 3.87
N HIS A 108 37.48 6.05 3.87
CA HIS A 108 36.70 6.19 5.08
C HIS A 108 36.43 4.84 5.72
N ALA A 109 35.94 3.89 4.91
CA ALA A 109 35.55 2.58 5.42
C ALA A 109 36.75 1.81 5.95
N GLU A 110 37.84 1.79 5.18
CA GLU A 110 39.06 1.12 5.62
C GLU A 110 39.56 1.67 6.96
N LYS A 111 39.62 3.00 7.10
CA LYS A 111 40.11 3.56 8.37
C LYS A 111 39.18 3.21 9.54
N LEU A 112 37.86 3.30 9.35
CA LEU A 112 36.94 2.86 10.40
C LEU A 112 37.12 1.39 10.73
N LEU A 113 37.30 0.55 9.70
CA LEU A 113 37.39 -0.88 9.94
C LEU A 113 38.67 -1.24 10.66
N ALA A 114 39.79 -0.60 10.25
CA ALA A 114 41.07 -0.83 10.89
C ALA A 114 41.03 -0.44 12.36
N ALA A 115 40.35 0.65 12.69
CA ALA A 115 40.16 1.07 14.07
C ALA A 115 39.19 0.16 14.84
N GLY A 116 38.60 -0.84 14.19
CA GLY A 116 37.72 -1.76 14.89
C GLY A 116 36.26 -1.40 14.86
N LYS A 117 35.87 -0.36 14.14
CA LYS A 117 34.47 0.01 14.04
C LYS A 117 33.77 -0.77 12.94
N ARG A 118 32.44 -0.80 13.03
CA ARG A 118 31.56 -1.37 12.03
C ARG A 118 30.65 -0.29 11.46
N MET A 119 30.11 -0.54 10.27
CA MET A 119 29.43 0.50 9.49
C MET A 119 27.96 0.17 9.21
N LEU A 120 27.08 1.11 9.55
CA LEU A 120 25.74 1.23 8.97
C LEU A 120 25.75 2.46 8.07
N SER A 121 25.44 2.27 6.78
CA SER A 121 25.63 3.31 5.79
C SER A 121 24.33 3.61 5.05
N PHE A 122 24.07 4.90 4.81
CA PHE A 122 22.86 5.37 4.15
C PHE A 122 23.20 5.88 2.77
N GLY A 123 22.52 5.35 1.75
CA GLY A 123 22.59 5.88 0.41
C GLY A 123 21.45 6.86 0.15
N GLY A 124 21.57 7.56 -0.98
CA GLY A 124 22.66 7.35 -1.91
C GLY A 124 22.33 6.31 -2.94
N ASP A 125 22.98 6.43 -4.09
CA ASP A 125 22.83 5.47 -5.17
C ASP A 125 23.26 4.09 -4.68
N HIS A 126 22.77 3.03 -5.30
CA HIS A 126 23.15 1.69 -4.83
C HIS A 126 24.63 1.46 -5.09
N PHE A 127 25.20 2.19 -6.03
CA PHE A 127 26.60 1.97 -6.39
C PHE A 127 27.52 2.14 -5.18
N VAL A 128 27.14 2.98 -4.21
CA VAL A 128 27.98 3.22 -3.05
C VAL A 128 28.40 1.92 -2.35
N THR A 129 27.67 0.83 -2.57
CA THR A 129 27.99 -0.43 -1.90
C THR A 129 29.34 -1.01 -2.36
N LEU A 130 29.62 -0.90 -3.66
CA LEU A 130 30.88 -1.44 -4.19
C LEU A 130 32.12 -0.88 -3.50
N PRO A 131 32.30 0.43 -3.31
CA PRO A 131 33.43 0.87 -2.46
C PRO A 131 33.38 0.22 -1.08
N LEU A 132 32.20 0.16 -0.45
CA LEU A 132 32.11 -0.40 0.90
C LEU A 132 32.45 -1.89 0.91
N LEU A 133 32.15 -2.59 -0.19
CA LEU A 133 32.51 -4.00 -0.31
C LEU A 133 34.02 -4.17 -0.44
N ARG A 134 34.66 -3.31 -1.21
CA ARG A 134 36.12 -3.36 -1.30
C ARG A 134 36.73 -3.17 0.07
N ALA A 135 36.26 -2.17 0.81
CA ALA A 135 36.83 -1.92 2.12
C ALA A 135 36.61 -3.11 3.05
N HIS A 136 35.36 -3.61 3.09
CA HIS A 136 35.03 -4.75 3.94
C HIS A 136 35.76 -6.03 3.57
N ALA A 137 35.96 -6.28 2.27
CA ALA A 137 36.64 -7.51 1.86
C ALA A 137 38.06 -7.57 2.43
N LYS A 138 38.76 -6.43 2.48
CA LYS A 138 40.11 -6.41 3.02
C LYS A 138 40.14 -6.74 4.51
N HIS A 139 39.04 -6.49 5.21
CA HIS A 139 39.04 -6.67 6.65
C HIS A 139 38.32 -7.95 7.08
N PHE A 140 37.44 -8.50 6.25
CA PHE A 140 36.63 -9.64 6.63
C PHE A 140 36.73 -10.81 5.66
N GLY A 141 37.49 -10.67 4.59
CA GLY A 141 37.57 -11.71 3.61
C GLY A 141 36.43 -11.65 2.63
N LYS A 142 36.39 -12.65 1.75
CA LYS A 142 35.29 -12.78 0.83
C LYS A 142 33.99 -12.95 1.62
N MET A 143 32.92 -12.35 1.12
CA MET A 143 31.68 -12.29 1.86
C MET A 143 30.56 -12.97 1.10
N ALA A 144 29.52 -13.32 1.87
CA ALA A 144 28.21 -13.64 1.33
C ALA A 144 27.40 -12.35 1.25
N LEU A 145 26.72 -12.15 0.16
CA LEU A 145 25.91 -10.95 -0.01
C LEU A 145 24.45 -11.30 0.22
N VAL A 146 23.82 -10.64 1.18
CA VAL A 146 22.38 -10.68 1.32
C VAL A 146 21.83 -9.34 0.82
N HIS A 147 21.06 -9.43 -0.26
CA HIS A 147 20.78 -8.34 -1.17
C HIS A 147 19.28 -8.19 -1.37
N PHE A 148 18.65 -7.24 -0.70
CA PHE A 148 17.20 -7.08 -0.95
C PHE A 148 17.06 -6.06 -2.05
N ASP A 149 16.39 -6.37 -3.14
CA ASP A 149 16.25 -5.41 -4.25
C ASP A 149 15.26 -5.96 -5.24
N ALA A 150 14.76 -5.09 -6.09
CA ALA A 150 13.92 -5.51 -7.22
C ALA A 150 14.76 -5.81 -8.45
N HIS A 151 16.04 -5.49 -8.35
CA HIS A 151 16.98 -5.67 -9.47
C HIS A 151 18.13 -6.54 -9.01
N THR A 152 18.74 -7.28 -9.91
CA THR A 152 19.86 -8.09 -9.47
C THR A 152 21.15 -7.34 -9.49
N ASP A 153 21.20 -6.23 -10.20
CA ASP A 153 22.40 -5.35 -10.19
C ASP A 153 23.67 -6.12 -10.56
N THR A 154 23.62 -6.91 -11.63
CA THR A 154 24.70 -7.72 -12.17
C THR A 154 24.98 -7.39 -13.62
N TYR A 155 24.73 -6.17 -14.07
CA TYR A 155 24.80 -5.88 -15.50
C TYR A 155 26.25 -5.89 -15.97
N ALA A 156 26.53 -6.70 -16.99
CA ALA A 156 27.92 -6.95 -17.37
C ALA A 156 28.54 -5.76 -18.11
N ASN A 157 27.83 -5.19 -19.08
CA ASN A 157 28.40 -4.18 -19.98
C ASN A 157 27.75 -2.83 -19.69
N GLY A 158 28.29 -2.12 -18.69
CA GLY A 158 27.73 -0.86 -18.27
C GLY A 158 28.84 0.16 -18.07
N CYS A 159 28.42 1.38 -17.72
CA CYS A 159 29.38 2.39 -17.30
C CYS A 159 30.01 1.99 -15.98
N GLU A 160 31.29 2.34 -15.79
CA GLU A 160 32.00 2.01 -14.56
C GLU A 160 31.26 2.47 -13.32
N PHE A 161 30.38 3.46 -13.45
CA PHE A 161 29.69 4.09 -12.33
C PHE A 161 28.18 3.86 -12.42
N ASP A 162 27.77 2.82 -13.15
CA ASP A 162 26.32 2.51 -13.28
C ASP A 162 25.88 1.80 -12.02
N HIS A 163 24.75 2.20 -11.43
CA HIS A 163 24.24 1.61 -10.17
C HIS A 163 23.91 0.12 -10.32
N GLY A 164 23.44 -0.31 -11.49
CA GLY A 164 23.08 -1.72 -11.65
C GLY A 164 24.20 -2.60 -12.18
N THR A 165 25.44 -2.43 -11.74
CA THR A 165 26.58 -3.24 -12.15
C THR A 165 27.46 -3.68 -10.99
N MET A 166 27.05 -3.39 -9.73
CA MET A 166 27.98 -3.60 -8.63
C MET A 166 28.21 -5.07 -8.32
N PHE A 167 27.28 -5.95 -8.66
CA PHE A 167 27.38 -7.35 -8.28
C PHE A 167 27.74 -8.21 -9.47
N TYR A 168 28.10 -7.58 -10.58
CA TYR A 168 28.97 -8.12 -11.61
C TYR A 168 30.42 -7.85 -11.25
N THR A 169 30.70 -6.61 -10.86
CA THR A 169 32.09 -6.25 -10.58
C THR A 169 32.58 -6.93 -9.31
N ALA A 170 31.78 -6.91 -8.24
CA ALA A 170 32.27 -7.41 -6.96
C ALA A 170 32.73 -8.86 -6.99
N PRO A 171 31.99 -9.81 -7.58
CA PRO A 171 32.53 -11.19 -7.65
C PRO A 171 33.80 -11.27 -8.46
N LYS A 172 33.89 -10.47 -9.52
CA LYS A 172 35.05 -10.51 -10.40
C LYS A 172 36.31 -10.00 -9.71
N GLU A 173 36.17 -9.02 -8.80
CA GLU A 173 37.25 -8.53 -7.95
C GLU A 173 37.42 -9.35 -6.68
N GLY A 174 36.72 -10.49 -6.56
CA GLY A 174 36.85 -11.35 -5.41
C GLY A 174 36.29 -10.80 -4.12
N LEU A 175 35.24 -9.99 -4.19
CA LEU A 175 34.83 -9.40 -2.93
C LEU A 175 33.76 -10.24 -2.28
N ILE A 176 32.91 -10.87 -3.10
CA ILE A 176 31.76 -11.63 -2.62
C ILE A 176 31.74 -12.94 -3.38
N ASP A 177 31.10 -13.94 -2.78
CA ASP A 177 30.98 -15.23 -3.42
C ASP A 177 29.56 -15.49 -3.88
N PRO A 178 29.27 -15.44 -5.18
CA PRO A 178 27.87 -15.61 -5.63
C PRO A 178 27.23 -16.85 -5.07
N ASN A 179 28.02 -17.91 -4.92
CA ASN A 179 27.56 -19.21 -4.50
C ASN A 179 27.19 -19.28 -3.02
N HIS A 180 27.38 -18.22 -2.26
CA HIS A 180 26.75 -18.12 -0.96
C HIS A 180 25.95 -16.83 -0.83
N SER A 181 25.62 -16.21 -1.94
CA SER A 181 24.86 -14.99 -1.93
C SER A 181 23.41 -15.26 -2.33
N VAL A 182 22.55 -14.32 -1.94
CA VAL A 182 21.11 -14.45 -2.17
C VAL A 182 20.52 -13.07 -2.41
N GLN A 183 19.61 -13.02 -3.38
CA GLN A 183 19.01 -11.82 -3.91
C GLN A 183 17.51 -11.97 -3.75
N ILE A 184 16.92 -11.13 -2.91
CA ILE A 184 15.58 -11.32 -2.38
C ILE A 184 14.71 -10.18 -2.88
N GLY A 185 13.59 -10.54 -3.50
CA GLY A 185 12.58 -9.57 -3.90
C GLY A 185 12.62 -9.17 -5.36
N ILE A 186 13.34 -9.92 -6.19
CA ILE A 186 13.60 -9.59 -7.60
C ILE A 186 12.32 -9.62 -8.39
N ARG A 187 12.16 -8.67 -9.30
CA ARG A 187 10.89 -8.55 -9.97
C ARG A 187 11.12 -8.20 -11.44
N THR A 188 12.39 -8.17 -11.89
CA THR A 188 12.79 -7.74 -13.23
C THR A 188 13.73 -8.77 -13.83
N GLU A 189 14.01 -8.63 -15.12
CA GLU A 189 14.88 -9.55 -15.82
C GLU A 189 16.17 -9.77 -15.04
N PHE A 190 16.65 -11.01 -15.04
CA PHE A 190 17.93 -11.36 -14.38
C PHE A 190 18.58 -12.50 -15.15
N ASP A 191 19.73 -12.93 -14.63
CA ASP A 191 20.60 -13.97 -15.19
C ASP A 191 20.58 -15.20 -14.30
N LYS A 192 19.98 -16.29 -14.81
CA LYS A 192 19.80 -17.47 -13.97
C LYS A 192 21.07 -18.27 -13.79
N ASP A 193 22.13 -17.96 -14.51
CA ASP A 193 23.24 -18.90 -14.66
C ASP A 193 24.52 -18.46 -13.95
N ASN A 194 24.47 -17.47 -13.06
CA ASN A 194 25.66 -16.78 -12.57
C ASN A 194 26.03 -17.06 -11.13
N GLY A 195 25.43 -18.04 -10.48
CA GLY A 195 25.82 -18.43 -9.14
C GLY A 195 24.96 -17.83 -8.03
N PHE A 196 24.38 -16.66 -8.26
CA PHE A 196 23.51 -16.07 -7.25
C PHE A 196 22.20 -16.83 -7.16
N THR A 197 21.71 -17.01 -5.94
CA THR A 197 20.39 -17.56 -5.72
C THR A 197 19.40 -16.39 -5.61
N VAL A 198 18.35 -16.41 -6.43
CA VAL A 198 17.42 -15.29 -6.60
C VAL A 198 16.04 -15.72 -6.08
N LEU A 199 15.65 -15.14 -4.96
CA LEU A 199 14.34 -15.38 -4.42
C LEU A 199 13.45 -14.25 -4.94
N ASP A 200 12.68 -14.54 -5.99
CA ASP A 200 11.90 -13.51 -6.65
C ASP A 200 10.73 -13.10 -5.75
N ALA A 201 10.22 -11.89 -5.98
CA ALA A 201 9.14 -11.36 -5.15
C ALA A 201 7.89 -12.23 -5.23
N CYS A 202 7.63 -12.84 -6.40
CA CYS A 202 6.43 -13.66 -6.61
C CYS A 202 6.41 -14.79 -5.60
N GLN A 203 7.57 -15.41 -5.44
CA GLN A 203 7.89 -16.51 -4.55
C GLN A 203 7.94 -16.10 -3.10
N VAL A 204 8.71 -15.05 -2.80
CA VAL A 204 8.86 -14.59 -1.43
C VAL A 204 7.52 -14.17 -0.86
N ASN A 205 6.69 -13.50 -1.69
CA ASN A 205 5.34 -13.09 -1.27
C ASN A 205 4.40 -14.27 -1.06
N ASP A 206 4.71 -15.43 -1.62
CA ASP A 206 3.84 -16.59 -1.45
C ASP A 206 4.39 -17.60 -0.46
N ARG A 207 5.54 -17.34 0.15
CA ARG A 207 6.20 -18.27 1.05
C ARG A 207 6.31 -17.64 2.43
N SER A 208 6.29 -18.47 3.48
CA SER A 208 6.39 -17.91 4.82
C SER A 208 7.79 -17.37 5.05
N VAL A 209 7.88 -16.41 5.96
CA VAL A 209 9.20 -15.94 6.38
C VAL A 209 10.10 -17.09 6.82
N ASP A 210 9.58 -18.02 7.65
CA ASP A 210 10.47 -19.09 8.12
C ASP A 210 11.04 -19.90 6.98
N ASP A 211 10.17 -20.22 6.01
CA ASP A 211 10.61 -20.93 4.82
C ASP A 211 11.80 -20.22 4.17
N VAL A 212 11.62 -18.92 3.86
CA VAL A 212 12.67 -18.18 3.17
C VAL A 212 13.94 -18.11 4.01
N ILE A 213 13.80 -17.80 5.30
CA ILE A 213 14.98 -17.67 6.16
C ILE A 213 15.76 -18.97 6.21
N ALA A 214 15.05 -20.08 6.44
CA ALA A 214 15.70 -21.38 6.36
C ALA A 214 16.58 -21.45 5.12
N GLN A 215 16.00 -21.15 3.95
CA GLN A 215 16.74 -21.22 2.71
C GLN A 215 17.93 -20.27 2.71
N VAL A 216 17.71 -19.03 3.16
CA VAL A 216 18.80 -18.06 3.24
C VAL A 216 19.97 -18.64 4.05
N LYS A 217 19.68 -19.17 5.24
CA LYS A 217 20.74 -19.73 6.10
C LYS A 217 21.46 -20.89 5.42
N GLN A 218 20.72 -21.75 4.72
CA GLN A 218 21.32 -22.86 3.97
C GLN A 218 22.39 -22.36 3.02
N ILE A 219 22.06 -21.33 2.23
CA ILE A 219 22.93 -20.84 1.17
C ILE A 219 24.11 -20.08 1.77
N VAL A 220 23.84 -19.27 2.79
CA VAL A 220 24.88 -18.41 3.31
C VAL A 220 25.91 -19.22 4.09
N GLY A 221 25.46 -20.19 4.87
CA GLY A 221 26.39 -20.95 5.68
C GLY A 221 26.90 -20.18 6.87
N ASP A 222 28.14 -20.46 7.28
CA ASP A 222 28.80 -19.77 8.39
C ASP A 222 29.52 -18.53 7.92
N MET A 223 29.38 -18.23 6.64
CA MET A 223 30.27 -17.31 6.00
C MET A 223 29.88 -15.89 6.40
N PRO A 224 30.80 -14.92 6.34
CA PRO A 224 30.43 -13.57 6.78
C PRO A 224 29.59 -12.85 5.73
N VAL A 225 28.65 -12.03 6.22
CA VAL A 225 27.59 -11.49 5.38
C VAL A 225 27.68 -9.98 5.34
N TYR A 226 27.60 -9.41 4.12
CA TYR A 226 27.33 -7.96 3.92
C TYR A 226 25.89 -7.87 3.46
N LEU A 227 25.04 -7.14 4.18
CA LEU A 227 23.60 -6.94 3.98
C LEU A 227 23.39 -5.62 3.26
N THR A 228 22.91 -5.67 2.03
CA THR A 228 22.64 -4.44 1.30
C THR A 228 21.15 -4.38 0.99
N PHE A 229 20.52 -3.21 1.24
CA PHE A 229 19.08 -3.11 1.04
C PHE A 229 18.71 -1.88 0.21
N ASP A 230 18.33 -2.16 -1.02
CA ASP A 230 17.83 -1.19 -2.00
C ASP A 230 16.34 -1.09 -1.69
N ILE A 231 15.79 0.10 -1.47
CA ILE A 231 14.42 0.25 -0.98
C ILE A 231 13.40 -0.12 -2.07
N ASP A 232 13.80 -0.09 -3.34
CA ASP A 232 12.89 -0.45 -4.44
C ASP A 232 12.43 -1.90 -4.28
N CYS A 233 13.14 -2.73 -3.51
CA CYS A 233 12.59 -4.02 -3.11
C CYS A 233 11.14 -3.91 -2.60
N LEU A 234 10.84 -2.84 -1.87
CA LEU A 234 9.49 -2.73 -1.34
C LEU A 234 8.57 -2.26 -2.45
N ASP A 235 7.35 -2.79 -2.44
CA ASP A 235 6.40 -2.40 -3.47
C ASP A 235 6.19 -0.89 -3.44
N PRO A 236 6.08 -0.25 -4.62
CA PRO A 236 5.92 1.21 -4.67
C PRO A 236 4.78 1.74 -3.80
N ALA A 237 3.83 0.88 -3.45
CA ALA A 237 2.82 1.26 -2.48
C ALA A 237 3.44 1.62 -1.13
N PHE A 238 4.49 0.91 -0.74
CA PHE A 238 5.09 1.21 0.58
C PHE A 238 6.34 2.06 0.43
N ALA A 239 7.01 1.95 -0.70
CA ALA A 239 8.21 2.76 -0.96
C ALA A 239 8.02 3.44 -2.29
N PRO A 240 7.07 4.37 -2.39
CA PRO A 240 6.94 5.12 -3.65
C PRO A 240 8.18 5.92 -3.99
N GLY A 241 8.94 6.36 -2.97
CA GLY A 241 10.12 7.19 -3.12
C GLY A 241 11.37 6.43 -3.51
N THR A 242 11.42 6.06 -4.78
CA THR A 242 12.54 5.37 -5.40
C THR A 242 12.61 5.84 -6.84
N GLY A 243 13.79 5.72 -7.43
CA GLY A 243 13.95 6.11 -8.82
C GLY A 243 13.66 5.03 -9.84
N THR A 244 13.79 3.78 -9.49
CA THR A 244 13.47 2.79 -10.53
C THR A 244 12.46 1.90 -9.88
N PRO A 245 11.01 2.19 -9.74
CA PRO A 245 9.95 1.38 -9.11
C PRO A 245 9.51 0.19 -9.94
N VAL A 246 9.10 -0.88 -9.26
CA VAL A 246 8.55 -2.07 -9.92
C VAL A 246 7.38 -2.59 -9.08
N ILE A 247 6.22 -2.83 -9.72
CA ILE A 247 5.06 -3.25 -8.96
C ILE A 247 5.23 -4.69 -8.49
N GLY A 248 4.34 -5.11 -7.60
CA GLY A 248 4.34 -6.44 -7.01
C GLY A 248 5.47 -6.73 -6.04
N GLY A 249 5.85 -5.75 -5.21
CA GLY A 249 6.97 -5.89 -4.30
C GLY A 249 6.62 -6.49 -2.96
N LEU A 250 7.54 -6.28 -2.01
CA LEU A 250 7.35 -6.74 -0.65
C LEU A 250 6.64 -5.70 0.20
N THR A 251 5.93 -6.17 1.20
CA THR A 251 5.42 -5.22 2.16
C THR A 251 6.53 -4.83 3.13
N SER A 252 6.31 -3.71 3.83
CA SER A 252 7.22 -3.30 4.90
C SER A 252 7.25 -4.35 6.01
N ASP A 253 6.07 -4.93 6.32
CA ASP A 253 5.95 -5.99 7.34
C ASP A 253 6.80 -7.20 7.00
N ARG A 254 6.73 -7.66 5.74
CA ARG A 254 7.53 -8.81 5.35
C ARG A 254 9.01 -8.46 5.31
N ALA A 255 9.35 -7.28 4.75
CA ALA A 255 10.74 -6.86 4.70
C ALA A 255 11.38 -6.84 6.07
N ILE A 256 10.66 -6.28 7.07
CA ILE A 256 11.21 -6.16 8.42
C ILE A 256 11.36 -7.53 9.09
N LYS A 257 10.43 -8.46 8.83
CA LYS A 257 10.51 -9.78 9.46
C LYS A 257 11.63 -10.59 8.84
N LEU A 258 11.78 -10.50 7.52
CA LEU A 258 12.89 -11.16 6.87
C LEU A 258 14.21 -10.66 7.42
N VAL A 259 14.36 -9.34 7.49
CA VAL A 259 15.60 -8.78 8.03
C VAL A 259 15.80 -9.28 9.45
N ARG A 260 14.75 -9.20 10.28
CA ARG A 260 14.85 -9.70 11.66
C ARG A 260 15.19 -11.17 11.69
N GLY A 261 14.82 -11.92 10.66
CA GLY A 261 15.14 -13.32 10.63
C GLY A 261 16.58 -13.64 10.26
N LEU A 262 17.45 -12.65 10.09
CA LEU A 262 18.85 -12.91 9.82
C LEU A 262 19.69 -12.75 11.07
N LYS A 263 19.05 -12.76 12.25
CA LYS A 263 19.73 -12.44 13.50
C LYS A 263 21.00 -13.28 13.66
N ASP A 264 20.90 -14.58 13.37
CA ASP A 264 21.94 -15.55 13.62
C ASP A 264 23.05 -15.54 12.58
N LEU A 265 22.92 -14.79 11.49
CA LEU A 265 24.01 -14.74 10.55
C LEU A 265 25.08 -13.77 11.02
N ASN A 266 26.27 -13.95 10.46
CA ASN A 266 27.45 -13.17 10.79
C ASN A 266 27.51 -11.95 9.87
N ILE A 267 26.71 -10.94 10.20
CA ILE A 267 26.59 -9.75 9.36
C ILE A 267 27.66 -8.73 9.76
N VAL A 268 28.64 -8.52 8.89
CA VAL A 268 29.78 -7.67 9.21
C VAL A 268 29.56 -6.20 8.84
N GLY A 269 28.75 -5.92 7.82
CA GLY A 269 28.42 -4.55 7.47
C GLY A 269 27.06 -4.51 6.81
N MET A 270 26.50 -3.32 6.72
CA MET A 270 25.13 -3.20 6.25
C MET A 270 24.88 -1.80 5.70
N ASP A 271 23.99 -1.70 4.71
CA ASP A 271 23.58 -0.41 4.16
C ASP A 271 22.12 -0.44 3.65
N VAL A 272 21.53 0.76 3.55
CA VAL A 272 20.20 1.01 2.99
C VAL A 272 20.32 2.10 1.95
N VAL A 273 19.87 1.85 0.72
CA VAL A 273 20.17 2.76 -0.40
C VAL A 273 18.94 2.96 -1.27
N GLU A 274 19.02 3.94 -2.17
CA GLU A 274 18.03 4.32 -3.23
C GLU A 274 16.76 5.01 -2.72
N VAL A 275 16.84 5.72 -1.61
CA VAL A 275 15.69 6.51 -1.15
C VAL A 275 15.77 7.87 -1.83
N ALA A 276 14.85 8.13 -2.75
CA ALA A 276 14.81 9.38 -3.48
C ALA A 276 13.70 10.22 -2.90
N PRO A 277 13.98 11.17 -1.99
CA PRO A 277 12.87 11.87 -1.31
C PRO A 277 11.94 12.65 -2.25
N ALA A 278 12.39 13.04 -3.44
CA ALA A 278 11.53 13.76 -4.37
C ALA A 278 10.28 12.97 -4.72
N TYR A 279 10.32 11.65 -4.65
CA TYR A 279 9.19 10.84 -5.04
C TYR A 279 8.52 10.18 -3.86
N ASP A 280 8.94 10.55 -2.65
CA ASP A 280 8.39 10.03 -1.41
C ASP A 280 7.01 10.64 -1.22
N GLN A 281 6.17 10.00 -0.39
CA GLN A 281 4.82 10.48 -0.11
C GLN A 281 4.59 10.42 1.39
N SER A 282 4.44 11.58 2.01
CA SER A 282 4.27 11.70 3.46
C SER A 282 5.37 10.95 4.23
N GLU A 283 6.57 10.94 3.64
CA GLU A 283 7.79 10.42 4.23
C GLU A 283 7.70 8.93 4.52
N ILE A 284 6.83 8.20 3.81
CA ILE A 284 6.66 6.76 4.04
C ILE A 284 7.97 6.01 3.76
N THR A 285 8.60 6.27 2.60
CA THR A 285 9.78 5.53 2.21
C THR A 285 10.92 5.74 3.19
N ALA A 286 11.15 7.01 3.57
CA ALA A 286 12.22 7.29 4.52
C ALA A 286 11.95 6.61 5.85
N LEU A 287 10.68 6.57 6.29
CA LEU A 287 10.29 5.85 7.50
C LEU A 287 10.64 4.37 7.41
N ALA A 288 10.27 3.73 6.30
CA ALA A 288 10.62 2.33 6.13
C ALA A 288 12.13 2.14 6.20
N ALA A 289 12.89 2.96 5.49
CA ALA A 289 14.33 2.78 5.48
C ALA A 289 14.90 2.93 6.88
N ALA A 290 14.50 3.99 7.60
CA ALA A 290 15.00 4.21 8.96
C ALA A 290 14.61 3.07 9.89
N THR A 291 13.38 2.58 9.77
CA THR A 291 12.96 1.45 10.59
C THR A 291 13.80 0.21 10.28
N LEU A 292 13.93 -0.14 8.99
CA LEU A 292 14.79 -1.26 8.60
C LEU A 292 16.21 -1.08 9.13
N ALA A 293 16.80 0.10 8.90
CA ALA A 293 18.11 0.44 9.45
C ALA A 293 18.20 0.13 10.94
N LEU A 294 17.24 0.65 11.71
CA LEU A 294 17.25 0.41 13.15
C LEU A 294 17.20 -1.10 13.45
N GLU A 295 16.40 -1.85 12.69
CA GLU A 295 16.33 -3.30 12.89
C GLU A 295 17.69 -3.96 12.62
N MET A 296 18.41 -3.50 11.59
CA MET A 296 19.77 -3.94 11.36
C MET A 296 20.65 -3.73 12.58
N LEU A 297 20.46 -2.60 13.27
CA LEU A 297 21.20 -2.37 14.51
C LEU A 297 20.73 -3.30 15.62
N TYR A 298 19.40 -3.54 15.74
CA TYR A 298 19.00 -4.43 16.83
C TYR A 298 19.51 -5.86 16.61
N ILE A 299 19.50 -6.36 15.37
CA ILE A 299 20.06 -7.69 15.10
C ILE A 299 21.47 -7.81 15.68
N GLN A 300 22.30 -6.78 15.46
CA GLN A 300 23.65 -6.76 16.02
C GLN A 300 23.60 -6.76 17.54
N ALA A 301 22.73 -5.91 18.12
CA ALA A 301 22.68 -5.77 19.56
C ALA A 301 22.17 -7.04 20.25
N ALA A 302 21.18 -7.71 19.65
CA ALA A 302 20.66 -8.92 20.25
C ALA A 302 21.67 -10.06 20.27
N LYS A 303 22.87 -9.85 19.72
CA LYS A 303 23.96 -10.81 19.84
C LYS A 303 25.04 -10.30 20.81
N LYS A 304 24.70 -9.39 21.72
CA LYS A 304 25.72 -8.75 22.57
C LYS A 304 25.06 -8.16 23.85
N ALA B 16 -29.08 16.81 4.10
CA ALA B 16 -28.28 16.24 3.01
C ALA B 16 -26.79 16.52 3.12
N PHE B 17 -26.36 17.20 4.19
CA PHE B 17 -25.10 17.91 4.15
C PHE B 17 -24.03 17.32 5.07
N GLY B 18 -24.38 16.46 6.00
CA GLY B 18 -23.42 15.87 6.90
C GLY B 18 -22.80 14.60 6.34
N PHE B 19 -22.16 13.85 7.23
CA PHE B 19 -21.52 12.61 6.84
C PHE B 19 -22.48 11.73 6.04
N LEU B 20 -21.95 11.11 4.99
CA LEU B 20 -22.70 10.19 4.12
C LEU B 20 -24.01 10.81 3.63
N ARG B 21 -23.99 12.13 3.43
CA ARG B 21 -25.16 12.92 3.05
C ARG B 21 -26.34 12.77 4.02
N LEU B 22 -26.05 12.43 5.28
CA LEU B 22 -27.06 12.39 6.33
C LEU B 22 -27.53 13.80 6.65
N PRO B 23 -28.66 13.94 7.35
CA PRO B 23 -29.12 15.27 7.75
C PRO B 23 -28.21 15.91 8.79
N MET B 24 -27.96 17.19 8.61
CA MET B 24 -27.41 17.96 9.70
C MET B 24 -28.53 18.28 10.69
N ASN B 25 -28.23 18.15 11.98
CA ASN B 25 -29.16 18.61 13.00
C ASN B 25 -28.34 19.23 14.11
N PHE B 26 -28.29 20.56 14.16
CA PHE B 26 -27.50 21.20 15.22
C PHE B 26 -28.24 21.22 16.56
N GLN B 27 -29.46 20.69 16.63
CA GLN B 27 -30.21 20.54 17.89
C GLN B 27 -30.58 19.07 18.08
N PRO B 28 -29.60 18.21 18.36
CA PRO B 28 -29.83 16.76 18.31
C PRO B 28 -30.27 16.11 19.60
N TYR B 29 -30.33 16.87 20.69
CA TYR B 29 -30.57 16.30 22.01
C TYR B 29 -32.00 15.77 22.13
N ASP B 30 -32.98 16.52 21.64
CA ASP B 30 -34.32 15.99 21.37
C ASP B 30 -34.46 15.83 19.86
N SER B 31 -34.43 14.59 19.38
CA SER B 31 -34.54 14.32 17.95
C SER B 31 -34.91 12.85 17.76
N ASP B 32 -35.52 12.54 16.61
CA ASP B 32 -35.91 11.16 16.33
C ASP B 32 -34.73 10.26 16.00
N ALA B 33 -33.51 10.75 16.17
CA ALA B 33 -32.31 10.00 15.82
C ALA B 33 -31.92 9.04 16.94
N ASP B 34 -31.44 7.87 16.55
CA ASP B 34 -30.88 6.95 17.52
C ASP B 34 -29.36 7.06 17.65
N TRP B 35 -28.68 7.58 16.62
CA TRP B 35 -27.23 7.78 16.61
C TRP B 35 -26.91 9.18 16.11
N VAL B 36 -25.93 9.84 16.73
CA VAL B 36 -25.51 11.18 16.32
C VAL B 36 -24.01 11.22 16.04
N ILE B 37 -23.67 11.73 14.86
CA ILE B 37 -22.30 11.95 14.43
C ILE B 37 -21.87 13.35 14.84
N THR B 38 -20.73 13.44 15.54
CA THR B 38 -20.18 14.69 16.05
C THR B 38 -18.70 14.80 15.72
N GLY B 39 -18.35 15.80 14.93
CA GLY B 39 -16.95 16.09 14.68
C GLY B 39 -16.33 16.80 15.88
N VAL B 40 -15.09 16.43 16.19
CA VAL B 40 -14.40 17.02 17.34
C VAL B 40 -13.05 17.52 16.82
N PRO B 41 -13.00 18.67 16.15
CA PRO B 41 -11.71 19.15 15.64
C PRO B 41 -10.81 19.55 16.80
N PHE B 42 -9.70 18.83 16.97
CA PHE B 42 -8.85 19.07 18.12
C PHE B 42 -7.44 18.54 17.89
N ASP B 43 -6.46 19.30 18.37
CA ASP B 43 -5.03 18.95 18.31
C ASP B 43 -4.40 19.07 19.71
N GLY B 51 -1.51 17.48 12.92
CA GLY B 51 -2.56 18.23 12.24
C GLY B 51 -3.92 17.56 12.05
N GLY B 52 -4.50 17.04 13.13
CA GLY B 52 -5.84 16.48 13.10
C GLY B 52 -7.02 17.41 13.33
N ARG B 53 -6.85 18.72 13.22
CA ARG B 53 -8.03 19.59 13.30
C ARG B 53 -9.05 19.22 12.24
N HIS B 54 -8.56 18.94 11.04
CA HIS B 54 -9.37 18.87 9.85
C HIS B 54 -9.81 17.43 9.55
N GLY B 55 -9.49 16.49 10.43
CA GLY B 55 -9.96 15.13 10.31
C GLY B 55 -11.43 15.05 10.03
N PRO B 56 -12.28 15.65 10.87
CA PRO B 56 -13.72 15.48 10.66
C PRO B 56 -14.21 15.98 9.31
N ALA B 57 -13.70 17.13 8.85
CA ALA B 57 -14.04 17.63 7.51
C ALA B 57 -13.64 16.63 6.43
N ALA B 58 -12.36 16.24 6.42
CA ALA B 58 -11.86 15.28 5.44
C ALA B 58 -12.72 14.03 5.37
N ILE B 59 -13.09 13.51 6.53
CA ILE B 59 -13.91 12.30 6.62
C ILE B 59 -15.29 12.56 6.00
N ARG B 60 -15.93 13.67 6.35
CA ARG B 60 -17.23 13.96 5.75
C ARG B 60 -17.12 14.11 4.24
N GLN B 61 -16.14 14.88 3.77
CA GLN B 61 -16.08 15.20 2.36
C GLN B 61 -15.90 13.95 1.51
N VAL B 62 -15.05 13.03 1.95
CA VAL B 62 -14.75 11.84 1.14
C VAL B 62 -15.88 10.81 1.24
N SER B 63 -16.66 10.84 2.33
CA SER B 63 -17.69 9.83 2.54
C SER B 63 -18.75 9.76 1.44
N THR B 64 -18.87 10.78 0.60
CA THR B 64 -19.87 10.73 -0.46
C THR B 64 -19.61 9.58 -1.42
N ASN B 65 -18.34 9.15 -1.49
CA ASN B 65 -17.94 7.92 -2.19
C ASN B 65 -18.76 6.71 -1.77
N LEU B 66 -19.17 6.65 -0.52
CA LEU B 66 -19.93 5.53 0.00
C LEU B 66 -21.43 5.77 -0.07
N ALA B 67 -21.86 7.04 -0.08
CA ALA B 67 -23.27 7.35 0.08
C ALA B 67 -24.12 6.73 -1.02
N TRP B 68 -23.58 6.60 -2.23
CA TRP B 68 -24.43 6.17 -3.33
C TRP B 68 -24.87 4.71 -3.22
N GLU B 69 -24.30 3.90 -2.32
CA GLU B 69 -24.68 2.49 -2.25
C GLU B 69 -25.90 2.41 -1.35
N HIS B 70 -27.00 1.94 -1.91
CA HIS B 70 -28.18 1.65 -1.11
C HIS B 70 -27.85 0.63 -0.02
N ASN B 71 -27.29 -0.51 -0.40
CA ASN B 71 -26.75 -1.47 0.57
C ASN B 71 -25.23 -1.43 0.49
N ARG B 72 -24.59 -0.88 1.53
CA ARG B 72 -23.13 -0.90 1.60
C ARG B 72 -22.60 -2.32 1.59
N PHE B 73 -21.80 -2.64 0.58
CA PHE B 73 -21.23 -4.00 0.43
C PHE B 73 -20.40 -4.33 1.66
N PRO B 74 -20.47 -5.54 2.23
CA PRO B 74 -21.16 -6.66 1.65
C PRO B 74 -22.54 -6.88 2.26
N TRP B 75 -23.10 -5.85 2.92
CA TRP B 75 -24.38 -6.00 3.64
C TRP B 75 -25.58 -6.25 2.72
N ASN B 76 -26.64 -6.79 3.33
CA ASN B 76 -27.85 -7.25 2.66
C ASN B 76 -29.04 -6.30 2.88
N PHE B 77 -28.75 -5.16 3.49
CA PHE B 77 -29.78 -4.14 3.79
C PHE B 77 -29.12 -2.77 3.90
N ASP B 78 -29.94 -1.73 4.05
CA ASP B 78 -29.52 -0.34 4.18
C ASP B 78 -29.54 0.05 5.66
N MET B 79 -28.37 0.27 6.25
CA MET B 79 -28.26 0.89 7.57
C MET B 79 -29.20 2.08 7.74
N ARG B 80 -29.42 2.87 6.69
CA ARG B 80 -30.20 4.10 6.80
C ARG B 80 -31.67 3.82 7.00
N GLU B 81 -32.13 2.62 6.67
CA GLU B 81 -33.48 2.17 6.92
C GLU B 81 -33.62 1.42 8.24
N ARG B 82 -32.55 1.16 8.97
CA ARG B 82 -32.69 0.58 10.28
C ARG B 82 -32.36 1.53 11.42
N LEU B 83 -31.69 2.65 11.15
CA LEU B 83 -31.32 3.63 12.18
C LEU B 83 -31.60 5.03 11.64
N ASN B 84 -32.05 5.93 12.51
CA ASN B 84 -32.02 7.35 12.17
C ASN B 84 -30.68 7.88 12.67
N VAL B 85 -29.84 8.34 11.75
CA VAL B 85 -28.51 8.82 12.07
C VAL B 85 -28.43 10.28 11.63
N VAL B 86 -27.97 11.16 12.52
CA VAL B 86 -27.80 12.56 12.14
C VAL B 86 -26.41 13.03 12.55
N ASP B 87 -25.94 14.04 11.82
CA ASP B 87 -24.66 14.70 12.04
C ASP B 87 -24.93 16.12 12.51
N CYS B 88 -24.52 16.43 13.73
CA CYS B 88 -24.73 17.74 14.31
C CYS B 88 -23.52 18.63 14.17
N GLY B 89 -22.55 18.25 13.34
CA GLY B 89 -21.45 19.15 13.09
C GLY B 89 -20.29 18.99 14.05
N ASP B 90 -19.59 20.08 14.32
CA ASP B 90 -18.36 20.05 15.10
C ASP B 90 -18.57 20.72 16.46
N LEU B 91 -17.80 20.26 17.43
CA LEU B 91 -17.88 20.81 18.78
C LEU B 91 -17.24 22.19 18.84
N VAL B 92 -17.99 23.16 19.42
CA VAL B 92 -17.54 24.55 19.55
C VAL B 92 -16.84 24.74 20.88
N TYR B 93 -15.60 25.23 20.84
CA TYR B 93 -14.83 25.40 22.09
C TYR B 93 -13.77 26.49 21.86
N ALA B 94 -13.12 26.93 22.94
CA ALA B 94 -12.13 28.01 22.82
C ALA B 94 -10.99 27.59 21.91
N PHE B 95 -10.52 28.55 21.10
CA PHE B 95 -9.56 28.23 20.04
C PHE B 95 -8.47 27.27 20.52
N GLY B 96 -7.89 27.56 21.69
CA GLY B 96 -6.78 26.74 22.17
C GLY B 96 -7.02 25.99 23.46
N ASP B 97 -8.03 26.42 24.23
CA ASP B 97 -8.32 25.77 25.50
C ASP B 97 -8.75 24.33 25.26
N ALA B 98 -7.88 23.38 25.60
CA ALA B 98 -8.30 22.00 25.56
C ALA B 98 -9.18 21.67 26.76
N ARG B 99 -8.92 22.33 27.90
CA ARG B 99 -9.73 22.09 29.10
C ARG B 99 -11.20 22.38 28.85
N GLU B 100 -11.51 23.49 28.16
CA GLU B 100 -12.89 23.72 27.76
C GLU B 100 -13.34 22.68 26.74
N MET B 101 -12.46 22.31 25.79
CA MET B 101 -12.79 21.26 24.82
C MET B 101 -13.29 20.01 25.54
N SER B 102 -12.48 19.50 26.47
CA SER B 102 -12.86 18.30 27.22
C SER B 102 -14.21 18.48 27.90
N GLU B 103 -14.36 19.55 28.68
CA GLU B 103 -15.56 19.75 29.47
C GLU B 103 -16.79 19.90 28.60
N LYS B 104 -16.69 20.70 27.54
CA LYS B 104 -17.80 20.79 26.61
C LYS B 104 -18.05 19.47 25.87
N LEU B 105 -17.01 18.67 25.64
CA LEU B 105 -17.19 17.38 25.00
C LEU B 105 -17.95 16.41 25.90
N GLN B 106 -17.49 16.28 27.15
CA GLN B 106 -18.15 15.37 28.08
C GLN B 106 -19.57 15.82 28.37
N ALA B 107 -19.79 17.12 28.51
CA ALA B 107 -21.15 17.62 28.67
C ALA B 107 -22.00 17.23 27.47
N HIS B 108 -21.50 17.50 26.27
CA HIS B 108 -22.19 17.12 25.03
C HIS B 108 -22.66 15.67 25.10
N ALA B 109 -21.72 14.74 25.34
CA ALA B 109 -22.08 13.33 25.36
C ALA B 109 -23.07 13.02 26.49
N GLU B 110 -22.80 13.53 27.70
CA GLU B 110 -23.68 13.23 28.84
C GLU B 110 -25.12 13.58 28.51
N LYS B 111 -25.34 14.72 27.88
CA LYS B 111 -26.68 15.10 27.46
C LYS B 111 -27.20 14.24 26.29
N LEU B 112 -26.33 13.82 25.35
CA LEU B 112 -26.77 12.88 24.31
C LEU B 112 -27.06 11.50 24.88
N LEU B 113 -26.06 10.92 25.57
CA LEU B 113 -26.26 9.63 26.19
C LEU B 113 -27.47 9.68 27.12
N ALA B 114 -27.69 10.82 27.80
CA ALA B 114 -28.83 10.94 28.70
C ALA B 114 -30.16 10.78 27.96
N ALA B 115 -30.28 11.36 26.77
CA ALA B 115 -31.54 11.41 26.05
C ALA B 115 -31.87 10.12 25.29
N GLY B 116 -31.05 9.09 25.49
CA GLY B 116 -31.28 7.84 24.77
C GLY B 116 -30.85 7.95 23.32
N LYS B 117 -29.63 8.46 23.12
CA LYS B 117 -29.04 8.63 21.78
C LYS B 117 -27.60 8.12 21.89
N ARG B 118 -27.08 7.50 20.82
CA ARG B 118 -25.70 6.96 20.82
C ARG B 118 -24.78 7.86 20.01
N MET B 119 -23.48 7.57 20.07
CA MET B 119 -22.47 8.44 19.48
C MET B 119 -21.47 7.67 18.60
N LEU B 120 -21.38 8.13 17.35
CA LEU B 120 -20.22 7.93 16.49
C LEU B 120 -19.52 9.27 16.42
N SER B 121 -18.26 9.32 16.83
CA SER B 121 -17.51 10.57 16.93
C SER B 121 -16.23 10.52 16.09
N PHE B 122 -15.82 11.68 15.56
CA PHE B 122 -14.70 11.78 14.63
C PHE B 122 -13.56 12.61 15.22
N GLY B 123 -12.34 12.06 15.20
CA GLY B 123 -11.18 12.84 15.57
C GLY B 123 -10.53 13.51 14.37
N GLY B 124 -9.67 14.49 14.66
CA GLY B 124 -9.40 14.85 16.04
C GLY B 124 -8.32 14.01 16.72
N ASP B 125 -7.64 14.65 17.67
CA ASP B 125 -6.65 14.00 18.51
C ASP B 125 -7.25 12.76 19.18
N HIS B 126 -6.43 11.76 19.42
CA HIS B 126 -6.98 10.56 20.07
C HIS B 126 -7.46 10.94 21.45
N PHE B 127 -6.93 12.04 22.01
CA PHE B 127 -7.23 12.45 23.40
C PHE B 127 -8.73 12.56 23.55
N VAL B 128 -9.38 13.03 22.48
CA VAL B 128 -10.84 13.19 22.48
C VAL B 128 -11.58 12.00 23.08
N THR B 129 -11.01 10.80 22.98
CA THR B 129 -11.71 9.63 23.53
C THR B 129 -11.89 9.72 25.04
N LEU B 130 -10.91 10.27 25.75
CA LEU B 130 -10.98 10.29 27.22
C LEU B 130 -12.20 11.02 27.75
N PRO B 131 -12.50 12.26 27.34
CA PRO B 131 -13.81 12.82 27.72
C PRO B 131 -14.97 11.91 27.38
N LEU B 132 -14.98 11.37 26.16
CA LEU B 132 -16.09 10.50 25.73
C LEU B 132 -16.21 9.27 26.61
N LEU B 133 -15.06 8.70 27.04
CA LEU B 133 -15.11 7.58 27.98
C LEU B 133 -15.67 8.00 29.34
N ARG B 134 -15.37 9.22 29.79
CA ARG B 134 -15.95 9.71 31.05
C ARG B 134 -17.46 9.79 30.96
N ALA B 135 -17.99 10.37 29.89
CA ALA B 135 -19.45 10.42 29.71
C ALA B 135 -20.03 9.02 29.57
N HIS B 136 -19.40 8.17 28.77
CA HIS B 136 -19.94 6.82 28.55
C HIS B 136 -19.94 5.98 29.82
N ALA B 137 -18.94 6.15 30.68
CA ALA B 137 -18.89 5.31 31.89
C ALA B 137 -20.04 5.63 32.84
N LYS B 138 -20.41 6.91 32.95
CA LYS B 138 -21.53 7.29 33.80
C LYS B 138 -22.84 6.67 33.32
N HIS B 139 -22.96 6.38 32.03
CA HIS B 139 -24.23 5.89 31.52
C HIS B 139 -24.25 4.40 31.22
N PHE B 140 -23.09 3.74 31.14
CA PHE B 140 -23.03 2.32 30.81
C PHE B 140 -22.15 1.54 31.77
N GLY B 141 -21.54 2.21 32.74
CA GLY B 141 -20.64 1.56 33.67
C GLY B 141 -19.24 1.41 33.11
N LYS B 142 -18.43 0.67 33.85
CA LYS B 142 -17.08 0.36 33.38
C LYS B 142 -17.18 -0.48 32.13
N MET B 143 -16.32 -0.19 31.17
CA MET B 143 -16.41 -0.71 29.81
C MET B 143 -15.15 -1.51 29.45
N ALA B 144 -15.33 -2.43 28.50
CA ALA B 144 -14.22 -3.05 27.79
C ALA B 144 -13.84 -2.18 26.61
N LEU B 145 -12.54 -1.98 26.44
CA LEU B 145 -12.03 -1.15 25.36
C LEU B 145 -11.51 -2.03 24.24
N VAL B 146 -12.05 -1.81 23.05
CA VAL B 146 -11.53 -2.42 21.84
C VAL B 146 -10.80 -1.33 21.08
N HIS B 147 -9.47 -1.46 21.00
CA HIS B 147 -8.51 -0.40 20.69
C HIS B 147 -7.71 -0.78 19.44
N PHE B 148 -7.92 -0.05 18.34
CA PHE B 148 -7.14 -0.22 17.11
C PHE B 148 -6.13 0.91 16.99
N ASP B 149 -4.87 0.55 17.07
CA ASP B 149 -3.83 1.59 17.07
C ASP B 149 -2.50 0.90 16.95
N ALA B 150 -1.52 1.64 16.52
CA ALA B 150 -0.14 1.14 16.53
C ALA B 150 0.50 1.35 17.89
N HIS B 151 -0.10 2.24 18.65
CA HIS B 151 0.41 2.61 20.00
C HIS B 151 -0.53 2.05 21.05
N THR B 152 -0.08 1.83 22.27
CA THR B 152 -1.01 1.43 23.32
C THR B 152 -1.59 2.63 24.05
N ASP B 153 -0.89 3.75 23.97
CA ASP B 153 -1.34 5.02 24.58
C ASP B 153 -1.60 4.84 26.06
N THR B 154 -0.59 4.36 26.81
CA THR B 154 -0.69 4.13 28.25
C THR B 154 0.37 4.89 29.05
N TYR B 155 0.90 6.00 28.52
CA TYR B 155 2.06 6.63 29.15
C TYR B 155 1.64 7.33 30.45
N ALA B 156 2.29 6.94 31.55
CA ALA B 156 1.87 7.47 32.84
C ALA B 156 2.35 8.90 33.02
N ASN B 157 3.65 9.12 32.85
CA ASN B 157 4.30 10.39 33.22
C ASN B 157 4.27 11.38 32.06
N GLY B 158 3.05 11.72 31.63
CA GLY B 158 2.84 12.59 30.48
C GLY B 158 1.96 13.76 30.86
N CYS B 159 1.87 14.73 29.95
CA CYS B 159 1.18 15.99 30.24
C CYS B 159 -0.33 15.77 30.38
N GLU B 160 -1.00 16.75 31.00
CA GLU B 160 -2.41 16.57 31.35
C GLU B 160 -3.23 16.24 30.13
N PHE B 161 -3.12 17.06 29.11
CA PHE B 161 -3.82 16.88 27.85
C PHE B 161 -2.78 16.32 26.86
N ASP B 162 -2.77 15.01 26.67
CA ASP B 162 -1.75 14.40 25.77
C ASP B 162 -2.21 13.07 25.20
N HIS B 163 -2.15 12.87 23.89
CA HIS B 163 -2.59 11.56 23.33
C HIS B 163 -1.56 10.51 23.72
N GLY B 164 -2.00 9.28 23.97
CA GLY B 164 -1.04 8.24 24.38
C GLY B 164 -1.23 7.90 25.84
N THR B 165 -1.70 8.88 26.59
CA THR B 165 -1.81 8.71 28.04
C THR B 165 -3.19 8.27 28.48
N MET B 166 -4.17 8.36 27.60
CA MET B 166 -5.59 8.14 27.97
C MET B 166 -5.86 6.78 28.62
N PHE B 167 -5.21 5.73 28.16
CA PHE B 167 -5.48 4.40 28.65
C PHE B 167 -4.55 4.00 29.79
N TYR B 168 -3.87 4.99 30.37
CA TYR B 168 -3.39 5.04 31.74
C TYR B 168 -4.37 5.77 32.65
N THR B 169 -4.90 6.90 32.20
CA THR B 169 -5.85 7.65 33.01
C THR B 169 -7.19 6.90 33.11
N ALA B 170 -7.72 6.43 31.97
CA ALA B 170 -9.05 5.82 31.96
C ALA B 170 -9.19 4.66 32.92
N PRO B 171 -8.26 3.70 33.01
CA PRO B 171 -8.41 2.68 34.06
C PRO B 171 -8.26 3.24 35.47
N LYS B 172 -7.29 4.14 35.74
CA LYS B 172 -7.21 4.68 37.10
C LYS B 172 -8.49 5.41 37.51
N GLU B 173 -9.20 6.01 36.56
CA GLU B 173 -10.49 6.63 36.86
C GLU B 173 -11.65 5.65 36.73
N GLY B 174 -11.37 4.35 36.72
CA GLY B 174 -12.39 3.32 36.71
C GLY B 174 -13.35 3.36 35.53
N LEU B 175 -12.91 3.89 34.40
CA LEU B 175 -13.74 4.06 33.22
C LEU B 175 -13.79 2.80 32.37
N ILE B 176 -12.67 2.06 32.32
CA ILE B 176 -12.52 0.86 31.52
C ILE B 176 -11.84 -0.21 32.38
N ASP B 177 -12.04 -1.48 31.99
CA ASP B 177 -11.35 -2.59 32.64
C ASP B 177 -10.26 -3.16 31.73
N PRO B 178 -8.98 -2.85 32.00
CA PRO B 178 -7.90 -3.47 31.20
C PRO B 178 -8.04 -4.96 30.99
N ASN B 179 -8.54 -5.69 32.00
CA ASN B 179 -8.56 -7.15 31.98
C ASN B 179 -9.57 -7.73 31.02
N HIS B 180 -10.41 -6.87 30.42
CA HIS B 180 -11.32 -7.27 29.36
C HIS B 180 -11.19 -6.34 28.16
N SER B 181 -10.09 -5.60 28.10
CA SER B 181 -9.76 -4.67 27.04
C SER B 181 -8.68 -5.26 26.14
N VAL B 182 -8.78 -4.97 24.85
CA VAL B 182 -7.87 -5.56 23.88
C VAL B 182 -7.35 -4.47 22.95
N GLN B 183 -6.07 -4.57 22.62
CA GLN B 183 -5.33 -3.56 21.87
C GLN B 183 -4.71 -4.16 20.62
N ILE B 184 -5.19 -3.73 19.46
CA ILE B 184 -5.03 -4.45 18.19
C ILE B 184 -4.21 -3.64 17.21
N GLY B 185 -3.07 -4.19 16.81
CA GLY B 185 -2.22 -3.57 15.80
C GLY B 185 -0.94 -2.96 16.32
N ILE B 186 -0.65 -3.08 17.62
CA ILE B 186 0.49 -2.46 18.29
C ILE B 186 1.80 -2.83 17.60
N ARG B 187 2.67 -1.83 17.43
CA ARG B 187 3.88 -1.87 16.62
C ARG B 187 5.02 -1.13 17.31
N THR B 188 4.81 -0.76 18.56
CA THR B 188 5.74 0.11 19.26
C THR B 188 5.84 -0.34 20.71
N GLU B 189 6.74 0.31 21.45
CA GLU B 189 6.98 -0.03 22.84
C GLU B 189 5.70 0.02 23.65
N PHE B 190 5.56 -0.97 24.55
CA PHE B 190 4.34 -1.04 25.38
C PHE B 190 4.65 -1.81 26.66
N ASP B 191 3.65 -1.87 27.54
CA ASP B 191 3.80 -2.52 28.84
C ASP B 191 3.07 -3.86 28.85
N LYS B 192 3.85 -4.94 29.02
CA LYS B 192 3.27 -6.28 28.97
C LYS B 192 2.50 -6.65 30.23
N ASP B 193 2.69 -5.95 31.36
CA ASP B 193 2.20 -6.48 32.64
C ASP B 193 1.00 -5.71 33.23
N ASN B 194 0.28 -4.92 32.45
CA ASN B 194 -0.72 -4.02 33.03
C ASN B 194 -2.17 -4.47 32.82
N GLY B 195 -2.40 -5.67 32.33
CA GLY B 195 -3.74 -6.19 32.23
C GLY B 195 -4.35 -6.04 30.86
N PHE B 196 -3.84 -5.12 30.03
CA PHE B 196 -4.30 -5.02 28.65
C PHE B 196 -3.77 -6.19 27.83
N THR B 197 -4.64 -6.77 27.02
CA THR B 197 -4.25 -7.81 26.08
C THR B 197 -3.86 -7.14 24.76
N VAL B 198 -2.60 -7.29 24.36
CA VAL B 198 -2.08 -6.64 23.16
C VAL B 198 -2.01 -7.67 22.03
N LEU B 199 -2.80 -7.46 20.99
CA LEU B 199 -2.70 -8.23 19.74
C LEU B 199 -1.95 -7.37 18.74
N ASP B 200 -0.63 -7.56 18.72
CA ASP B 200 0.31 -6.76 17.97
C ASP B 200 0.17 -7.00 16.46
N ALA B 201 0.62 -6.03 15.67
CA ALA B 201 0.40 -6.14 14.23
C ALA B 201 1.15 -7.33 13.62
N CYS B 202 2.29 -7.74 14.21
CA CYS B 202 3.01 -8.93 13.73
C CYS B 202 2.10 -10.16 13.70
N GLN B 203 1.45 -10.47 14.81
CA GLN B 203 0.60 -11.67 14.82
C GLN B 203 -0.73 -11.45 14.12
N VAL B 204 -1.36 -10.29 14.35
CA VAL B 204 -2.63 -10.00 13.68
C VAL B 204 -2.51 -10.21 12.17
N ASN B 205 -1.38 -9.80 11.57
CA ASN B 205 -1.17 -10.00 10.13
C ASN B 205 -0.87 -11.45 9.78
N ASP B 206 -0.42 -12.26 10.75
CA ASP B 206 -0.11 -13.67 10.49
C ASP B 206 -1.22 -14.63 10.95
N ARG B 207 -2.30 -14.13 11.51
CA ARG B 207 -3.39 -14.96 12.00
C ARG B 207 -4.66 -14.63 11.23
N SER B 208 -5.59 -15.57 11.17
CA SER B 208 -6.84 -15.34 10.46
C SER B 208 -7.72 -14.38 11.26
N VAL B 209 -8.58 -13.64 10.55
CA VAL B 209 -9.53 -12.77 11.24
C VAL B 209 -10.35 -13.57 12.24
N ASP B 210 -10.85 -14.76 11.82
CA ASP B 210 -11.72 -15.55 12.70
C ASP B 210 -11.01 -15.89 14.00
N ASP B 211 -9.77 -16.36 13.87
CA ASP B 211 -8.92 -16.60 15.02
C ASP B 211 -8.89 -15.38 15.94
N VAL B 212 -8.62 -14.20 15.39
CA VAL B 212 -8.48 -13.01 16.21
C VAL B 212 -9.81 -12.60 16.82
N ILE B 213 -10.87 -12.57 16.01
CA ILE B 213 -12.19 -12.24 16.53
C ILE B 213 -12.54 -13.18 17.69
N ALA B 214 -12.33 -14.49 17.51
CA ALA B 214 -12.58 -15.44 18.59
C ALA B 214 -11.92 -15.01 19.89
N GLN B 215 -10.63 -14.69 19.82
CA GLN B 215 -9.91 -14.26 21.02
C GLN B 215 -10.45 -12.94 21.56
N VAL B 216 -10.78 -12.00 20.69
CA VAL B 216 -11.40 -10.75 21.15
C VAL B 216 -12.65 -11.07 21.97
N LYS B 217 -13.57 -11.87 21.40
CA LYS B 217 -14.82 -12.22 22.07
C LYS B 217 -14.55 -12.90 23.40
N GLN B 218 -13.51 -13.72 23.45
CA GLN B 218 -13.12 -14.38 24.69
C GLN B 218 -12.64 -13.37 25.73
N ILE B 219 -11.94 -12.32 25.31
CA ILE B 219 -11.39 -11.38 26.28
C ILE B 219 -12.48 -10.44 26.79
N VAL B 220 -13.29 -9.93 25.88
CA VAL B 220 -14.27 -8.92 26.24
C VAL B 220 -15.40 -9.49 27.07
N GLY B 221 -15.85 -10.71 26.73
CA GLY B 221 -16.98 -11.32 27.39
C GLY B 221 -18.27 -10.57 27.09
N ASP B 222 -19.15 -10.51 28.09
CA ASP B 222 -20.45 -9.87 27.95
C ASP B 222 -20.42 -8.38 28.28
N MET B 223 -19.23 -7.81 28.47
CA MET B 223 -19.11 -6.46 28.98
C MET B 223 -19.40 -5.46 27.86
N PRO B 224 -19.96 -4.31 28.18
CA PRO B 224 -20.14 -3.27 27.16
C PRO B 224 -18.78 -2.74 26.73
N VAL B 225 -18.64 -2.51 25.43
CA VAL B 225 -17.38 -2.12 24.84
C VAL B 225 -17.48 -0.74 24.23
N TYR B 226 -16.42 0.05 24.42
CA TYR B 226 -16.20 1.25 23.64
C TYR B 226 -15.20 0.94 22.55
N LEU B 227 -15.51 1.36 21.32
CA LEU B 227 -14.69 1.03 20.16
C LEU B 227 -13.98 2.30 19.69
N THR B 228 -12.66 2.32 19.83
CA THR B 228 -11.84 3.45 19.46
C THR B 228 -10.83 3.03 18.39
N PHE B 229 -10.76 3.81 17.32
CA PHE B 229 -9.90 3.43 16.19
C PHE B 229 -9.03 4.63 15.81
N ASP B 230 -7.79 4.51 16.25
CA ASP B 230 -6.69 5.42 15.91
C ASP B 230 -6.29 4.91 14.55
N ILE B 231 -6.28 5.77 13.56
CA ILE B 231 -6.06 5.36 12.16
C ILE B 231 -4.62 4.95 11.89
N ASP B 232 -3.67 5.29 12.74
CA ASP B 232 -2.28 4.84 12.47
C ASP B 232 -2.21 3.31 12.57
N CYS B 233 -3.26 2.64 13.04
CA CYS B 233 -3.22 1.18 13.06
C CYS B 233 -2.91 0.63 11.66
N LEU B 234 -3.52 1.22 10.63
CA LEU B 234 -3.24 0.83 9.26
C LEU B 234 -1.78 1.17 8.91
N ASP B 235 -1.18 0.33 8.06
CA ASP B 235 0.17 0.59 7.58
C ASP B 235 0.19 1.93 6.82
N PRO B 236 1.24 2.75 6.96
CA PRO B 236 1.28 4.03 6.25
C PRO B 236 0.97 3.97 4.78
N ALA B 237 1.20 2.83 4.12
CA ALA B 237 0.83 2.71 2.71
C ALA B 237 -0.68 2.94 2.49
N PHE B 238 -1.50 2.48 3.44
CA PHE B 238 -2.95 2.56 3.39
C PHE B 238 -3.46 3.83 4.07
N ALA B 239 -2.85 4.23 5.17
CA ALA B 239 -3.21 5.45 5.89
C ALA B 239 -1.95 6.31 6.00
N PRO B 240 -1.56 6.96 4.91
CA PRO B 240 -0.39 7.86 4.98
C PRO B 240 -0.63 9.09 5.83
N GLY B 241 -1.87 9.58 5.85
CA GLY B 241 -2.24 10.80 6.53
C GLY B 241 -2.43 10.67 8.02
N THR B 242 -1.31 10.56 8.73
CA THR B 242 -1.28 10.42 10.17
C THR B 242 -0.06 11.13 10.74
N GLY B 243 -0.16 11.58 11.98
CA GLY B 243 0.95 12.29 12.57
C GLY B 243 1.98 11.40 13.23
N THR B 244 1.59 10.23 13.67
CA THR B 244 2.63 9.42 14.35
C THR B 244 2.58 8.10 13.63
N PRO B 245 3.12 7.83 12.27
CA PRO B 245 3.06 6.62 11.44
C PRO B 245 4.11 5.59 11.83
N VAL B 246 3.76 4.32 11.68
CA VAL B 246 4.68 3.22 11.97
C VAL B 246 4.55 2.18 10.88
N ILE B 247 5.68 1.74 10.31
CA ILE B 247 5.60 0.76 9.23
C ILE B 247 5.17 -0.60 9.77
N GLY B 248 4.75 -1.49 8.86
CA GLY B 248 4.40 -2.83 9.24
C GLY B 248 3.06 -2.97 9.91
N GLY B 249 2.06 -2.21 9.47
CA GLY B 249 0.73 -2.29 10.02
C GLY B 249 -0.24 -3.08 9.17
N LEU B 250 -1.51 -2.86 9.45
CA LEU B 250 -2.60 -3.63 8.86
C LEU B 250 -2.99 -3.08 7.50
N THR B 251 -3.64 -3.92 6.71
CA THR B 251 -4.28 -3.48 5.49
C THR B 251 -5.69 -3.02 5.81
N SER B 252 -6.26 -2.20 4.92
CA SER B 252 -7.64 -1.78 5.09
C SER B 252 -8.56 -3.00 5.01
N ASP B 253 -8.27 -3.92 4.09
CA ASP B 253 -9.04 -5.17 4.01
C ASP B 253 -9.11 -5.88 5.36
N ARG B 254 -7.96 -6.04 6.03
CA ARG B 254 -7.98 -6.71 7.32
C ARG B 254 -8.65 -5.84 8.38
N ALA B 255 -8.39 -4.53 8.36
CA ALA B 255 -9.07 -3.66 9.31
C ALA B 255 -10.57 -3.80 9.20
N ILE B 256 -11.08 -3.81 7.97
CA ILE B 256 -12.53 -3.79 7.79
C ILE B 256 -13.13 -5.13 8.20
N LYS B 257 -12.42 -6.23 7.94
CA LYS B 257 -12.91 -7.56 8.30
C LYS B 257 -12.93 -7.77 9.81
N LEU B 258 -11.94 -7.24 10.50
CA LEU B 258 -11.92 -7.27 11.96
C LEU B 258 -13.07 -6.45 12.56
N VAL B 259 -13.23 -5.21 12.10
CA VAL B 259 -14.32 -4.39 12.61
C VAL B 259 -15.65 -5.10 12.40
N ARG B 260 -15.90 -5.49 11.14
CA ARG B 260 -17.09 -6.27 10.80
C ARG B 260 -17.29 -7.49 11.70
N GLY B 261 -16.21 -8.07 12.21
CA GLY B 261 -16.31 -9.25 13.03
C GLY B 261 -16.75 -9.00 14.44
N LEU B 262 -16.92 -7.73 14.83
CA LEU B 262 -17.30 -7.37 16.19
C LEU B 262 -18.81 -7.22 16.33
N LYS B 263 -19.57 -7.63 15.31
CA LYS B 263 -21.04 -7.46 15.31
C LYS B 263 -21.67 -7.91 16.63
N ASP B 264 -21.40 -9.17 17.01
CA ASP B 264 -22.07 -9.83 18.12
C ASP B 264 -21.71 -9.21 19.45
N LEU B 265 -20.71 -8.33 19.50
CA LEU B 265 -20.39 -7.70 20.77
C LEU B 265 -21.34 -6.54 21.05
N ASN B 266 -21.41 -6.14 22.31
CA ASN B 266 -22.30 -5.05 22.71
C ASN B 266 -21.52 -3.74 22.68
N ILE B 267 -21.56 -3.02 21.56
CA ILE B 267 -20.79 -1.80 21.39
C ILE B 267 -21.69 -0.61 21.73
N VAL B 268 -21.33 0.10 22.79
CA VAL B 268 -22.13 1.21 23.27
C VAL B 268 -21.71 2.53 22.62
N GLY B 269 -20.45 2.66 22.21
CA GLY B 269 -19.96 3.88 21.61
C GLY B 269 -18.66 3.63 20.87
N MET B 270 -18.38 4.53 19.93
CA MET B 270 -17.36 4.31 18.91
C MET B 270 -16.84 5.65 18.38
N ASP B 271 -15.55 5.67 18.05
CA ASP B 271 -14.96 6.87 17.44
C ASP B 271 -13.82 6.47 16.49
N VAL B 272 -13.51 7.38 15.56
CA VAL B 272 -12.39 7.22 14.62
C VAL B 272 -11.56 8.51 14.70
N VAL B 273 -10.26 8.37 14.97
CA VAL B 273 -9.41 9.52 15.30
C VAL B 273 -8.11 9.46 14.50
N GLU B 274 -7.29 10.51 14.68
CA GLU B 274 -5.91 10.71 14.16
C GLU B 274 -5.81 10.95 12.66
N VAL B 275 -6.91 11.12 11.96
CA VAL B 275 -6.80 11.43 10.56
C VAL B 275 -6.24 12.83 10.42
N ALA B 276 -5.14 12.97 9.69
CA ALA B 276 -4.52 14.28 9.46
C ALA B 276 -4.43 14.52 7.97
N PRO B 277 -5.28 15.39 7.39
CA PRO B 277 -5.30 15.55 5.92
C PRO B 277 -4.03 16.12 5.34
N ALA B 278 -3.33 16.99 6.07
CA ALA B 278 -2.08 17.54 5.55
C ALA B 278 -1.10 16.46 5.14
N TYR B 279 -1.35 15.25 5.59
CA TYR B 279 -0.41 14.16 5.23
C TYR B 279 -1.16 13.07 4.48
N ASP B 280 -2.35 13.38 4.01
CA ASP B 280 -3.13 12.40 3.25
C ASP B 280 -2.68 12.46 1.79
N GLN B 281 -2.84 11.33 1.08
CA GLN B 281 -2.48 11.23 -0.33
C GLN B 281 -3.68 10.72 -1.12
N SER B 282 -4.15 11.52 -2.08
CA SER B 282 -5.38 11.21 -2.83
C SER B 282 -6.52 10.76 -1.91
N GLU B 283 -6.57 11.34 -0.70
CA GLU B 283 -7.74 11.19 0.18
C GLU B 283 -7.96 9.77 0.67
N ILE B 284 -6.92 8.94 0.65
CA ILE B 284 -7.10 7.52 0.97
C ILE B 284 -7.20 7.25 2.47
N THR B 285 -6.56 8.08 3.30
CA THR B 285 -6.73 7.92 4.74
C THR B 285 -8.15 8.27 5.15
N ALA B 286 -8.63 9.42 4.68
CA ALA B 286 -9.99 9.83 4.96
C ALA B 286 -10.98 8.77 4.50
N LEU B 287 -10.77 8.23 3.29
CA LEU B 287 -11.67 7.21 2.75
C LEU B 287 -11.64 5.96 3.59
N ALA B 288 -10.46 5.57 4.08
CA ALA B 288 -10.39 4.42 4.97
C ALA B 288 -11.14 4.68 6.27
N ALA B 289 -11.04 5.89 6.82
CA ALA B 289 -11.74 6.18 8.06
C ALA B 289 -13.25 6.27 7.84
N ALA B 290 -13.68 6.95 6.78
CA ALA B 290 -15.12 7.01 6.49
C ALA B 290 -15.71 5.62 6.26
N THR B 291 -14.95 4.74 5.60
CA THR B 291 -15.44 3.39 5.36
C THR B 291 -15.53 2.60 6.67
N LEU B 292 -14.51 2.68 7.53
CA LEU B 292 -14.57 2.02 8.85
C LEU B 292 -15.74 2.55 9.67
N ALA B 293 -15.87 3.88 9.76
CA ALA B 293 -16.98 4.49 10.48
C ALA B 293 -18.32 3.95 9.98
N LEU B 294 -18.48 3.84 8.66
CA LEU B 294 -19.73 3.32 8.12
C LEU B 294 -19.95 1.87 8.54
N GLU B 295 -18.88 1.08 8.57
CA GLU B 295 -19.00 -0.29 9.06
C GLU B 295 -19.37 -0.31 10.53
N MET B 296 -18.80 0.60 11.32
CA MET B 296 -19.21 0.64 12.72
C MET B 296 -20.71 0.88 12.83
N LEU B 297 -21.25 1.74 11.95
CA LEU B 297 -22.70 1.90 11.92
C LEU B 297 -23.40 0.64 11.42
N TYR B 298 -22.90 -0.04 10.39
CA TYR B 298 -23.68 -1.20 9.95
C TYR B 298 -23.75 -2.25 11.04
N ILE B 299 -22.61 -2.58 11.67
CA ILE B 299 -22.66 -3.65 12.65
C ILE B 299 -23.65 -3.34 13.77
N GLN B 300 -23.88 -2.05 14.06
CA GLN B 300 -24.99 -1.68 14.94
C GLN B 300 -26.34 -2.00 14.32
N ALA B 301 -26.56 -1.52 13.09
CA ALA B 301 -27.82 -1.79 12.40
C ALA B 301 -28.05 -3.29 12.21
N ALA B 302 -26.97 -4.08 12.18
CA ALA B 302 -27.09 -5.52 12.00
C ALA B 302 -27.87 -6.18 13.13
N LYS B 303 -27.67 -5.69 14.36
CA LYS B 303 -28.27 -6.26 15.55
C LYS B 303 -29.68 -5.74 15.85
N LYS B 304 -30.19 -4.81 15.04
CA LYS B 304 -31.54 -4.24 15.26
C LYS B 304 -32.33 -4.34 13.95
N GLY B 305 -32.94 -5.51 13.71
CA GLY B 305 -33.67 -5.78 12.47
C GLY B 305 -33.92 -7.25 12.14
N ASN C 15 7.84 6.09 -34.47
CA ASN C 15 8.96 5.19 -34.23
C ASN C 15 9.73 5.36 -32.92
N ALA C 16 9.69 4.28 -32.12
CA ALA C 16 10.27 4.21 -30.79
C ALA C 16 9.70 5.29 -29.89
N PHE C 17 8.42 5.62 -30.10
CA PHE C 17 7.82 6.76 -29.43
C PHE C 17 6.53 6.40 -28.70
N GLY C 18 5.99 5.21 -28.87
CA GLY C 18 4.73 4.86 -28.21
C GLY C 18 4.92 4.10 -26.91
N PHE C 19 3.84 3.53 -26.44
CA PHE C 19 3.89 2.63 -25.29
C PHE C 19 5.06 1.66 -25.39
N LEU C 20 5.92 1.67 -24.36
CA LEU C 20 7.03 0.74 -24.22
C LEU C 20 8.11 0.98 -25.29
N ARG C 21 8.14 2.20 -25.85
CA ARG C 21 9.05 2.59 -26.95
C ARG C 21 8.76 1.82 -28.22
N LEU C 22 7.52 1.30 -28.36
CA LEU C 22 7.10 0.62 -29.58
C LEU C 22 6.94 1.65 -30.70
N PRO C 23 6.83 1.20 -31.94
CA PRO C 23 6.66 2.16 -33.04
C PRO C 23 5.27 2.78 -33.02
N MET C 24 5.24 4.11 -33.18
CA MET C 24 4.00 4.76 -33.60
C MET C 24 3.71 4.38 -35.05
N ASN C 25 2.44 4.15 -35.36
CA ASN C 25 1.97 4.00 -36.73
C ASN C 25 0.56 4.57 -36.77
N PHE C 26 0.37 5.69 -37.48
CA PHE C 26 -0.96 6.29 -37.49
C PHE C 26 -1.80 5.78 -38.64
N GLN C 27 -1.25 4.88 -39.45
CA GLN C 27 -1.97 4.22 -40.53
C GLN C 27 -1.81 2.72 -40.30
N PRO C 28 -2.45 2.18 -39.26
CA PRO C 28 -2.16 0.82 -38.83
C PRO C 28 -3.04 -0.23 -39.47
N TYR C 29 -4.08 0.17 -40.20
CA TYR C 29 -5.05 -0.81 -40.68
C TYR C 29 -4.42 -1.79 -41.66
N ASP C 30 -3.50 -1.30 -42.50
CA ASP C 30 -2.80 -2.15 -43.45
C ASP C 30 -1.34 -2.39 -43.06
N SER C 31 -1.02 -2.34 -41.77
CA SER C 31 0.34 -2.62 -41.33
C SER C 31 0.51 -4.12 -41.10
N ASP C 32 1.75 -4.53 -40.82
CA ASP C 32 2.02 -5.92 -40.45
C ASP C 32 1.81 -6.19 -38.96
N ALA C 33 1.25 -5.23 -38.20
CA ALA C 33 1.05 -5.46 -36.78
C ALA C 33 0.08 -6.59 -36.52
N ASP C 34 0.30 -7.31 -35.42
CA ASP C 34 -0.66 -8.28 -34.88
C ASP C 34 -1.58 -7.62 -33.87
N TRP C 35 -0.98 -6.77 -33.04
CA TRP C 35 -1.63 -6.09 -31.94
C TRP C 35 -1.43 -4.59 -32.10
N VAL C 36 -2.50 -3.84 -31.96
CA VAL C 36 -2.46 -2.40 -32.06
C VAL C 36 -2.85 -1.84 -30.72
N ILE C 37 -2.04 -0.91 -30.20
CA ILE C 37 -2.36 -0.17 -29.00
C ILE C 37 -3.03 1.13 -29.41
N THR C 38 -4.16 1.46 -28.78
CA THR C 38 -4.94 2.66 -29.05
C THR C 38 -5.28 3.38 -27.75
N GLY C 39 -5.02 4.68 -27.71
CA GLY C 39 -5.37 5.51 -26.55
C GLY C 39 -6.70 6.20 -26.80
N VAL C 40 -7.51 6.26 -25.74
CA VAL C 40 -8.82 6.90 -25.88
C VAL C 40 -9.02 7.87 -24.73
N PRO C 41 -8.52 9.11 -24.84
CA PRO C 41 -8.67 10.09 -23.77
C PRO C 41 -10.09 10.62 -23.72
N PHE C 42 -10.84 10.20 -22.69
CA PHE C 42 -12.27 10.44 -22.64
C PHE C 42 -12.85 10.24 -21.26
N ASP C 43 -13.59 11.23 -20.76
CA ASP C 43 -14.35 11.08 -19.52
C ASP C 43 -15.64 11.89 -19.59
N MET C 44 -16.68 11.35 -18.95
CA MET C 44 -18.04 11.93 -18.86
C MET C 44 -18.87 11.12 -17.86
N ALA C 50 -13.36 12.23 -11.83
CA ALA C 50 -13.10 12.54 -13.23
C ALA C 50 -11.61 12.67 -13.50
N GLY C 51 -11.26 13.08 -14.71
CA GLY C 51 -9.87 13.25 -15.10
C GLY C 51 -9.12 12.03 -15.59
N GLY C 52 -9.82 11.09 -16.26
CA GLY C 52 -9.20 9.95 -16.90
C GLY C 52 -8.68 10.23 -18.30
N ARG C 53 -8.80 11.48 -18.77
CA ARG C 53 -8.41 11.86 -20.13
C ARG C 53 -6.91 11.64 -20.37
N HIS C 54 -6.09 11.80 -19.35
CA HIS C 54 -4.64 11.75 -19.55
C HIS C 54 -4.09 10.37 -19.21
N GLY C 55 -4.97 9.42 -18.91
CA GLY C 55 -4.61 8.04 -18.63
C GLY C 55 -3.67 7.44 -19.64
N PRO C 56 -4.00 7.50 -20.95
CA PRO C 56 -3.06 6.95 -21.94
C PRO C 56 -1.69 7.62 -21.95
N ALA C 57 -1.63 8.96 -21.85
CA ALA C 57 -0.33 9.65 -21.76
C ALA C 57 0.48 9.16 -20.57
N ALA C 58 -0.15 9.15 -19.39
CA ALA C 58 0.53 8.70 -18.19
C ALA C 58 1.03 7.28 -18.34
N ILE C 59 0.19 6.41 -18.90
CA ILE C 59 0.59 5.01 -19.07
C ILE C 59 1.78 4.91 -20.01
N ARG C 60 1.71 5.58 -21.16
CA ARG C 60 2.85 5.57 -22.08
C ARG C 60 4.10 6.09 -21.40
N GLN C 61 3.98 7.22 -20.70
CA GLN C 61 5.17 7.89 -20.21
C GLN C 61 5.91 7.05 -19.20
N VAL C 62 5.18 6.31 -18.38
CA VAL C 62 5.79 5.51 -17.34
C VAL C 62 6.25 4.14 -17.85
N SER C 63 5.72 3.67 -18.98
CA SER C 63 6.09 2.35 -19.52
C SER C 63 7.58 2.21 -19.84
N THR C 64 8.35 3.30 -19.91
CA THR C 64 9.79 3.15 -20.16
C THR C 64 10.46 2.39 -19.01
N ASN C 65 9.94 2.52 -17.78
CA ASN C 65 10.36 1.66 -16.69
C ASN C 65 10.46 0.21 -17.13
N LEU C 66 9.48 -0.27 -17.90
CA LEU C 66 9.44 -1.68 -18.30
C LEU C 66 10.29 -1.99 -19.52
N ALA C 67 10.46 -1.01 -20.41
CA ALA C 67 10.96 -1.28 -21.76
C ALA C 67 12.39 -1.83 -21.77
N TRP C 68 13.19 -1.53 -20.73
CA TRP C 68 14.60 -1.92 -20.80
C TRP C 68 14.80 -3.42 -20.63
N GLU C 69 13.87 -4.11 -19.98
CA GLU C 69 14.02 -5.56 -19.86
C GLU C 69 13.77 -6.15 -21.23
N HIS C 70 14.74 -6.93 -21.73
CA HIS C 70 14.54 -7.69 -22.97
C HIS C 70 13.57 -8.82 -22.74
N ASN C 71 13.76 -9.59 -21.67
CA ASN C 71 12.78 -10.58 -21.25
C ASN C 71 12.11 -10.08 -19.98
N ARG C 72 10.91 -9.50 -20.12
CA ARG C 72 10.14 -9.08 -18.96
C ARG C 72 9.95 -10.23 -17.97
N PHE C 73 10.37 -9.99 -16.74
CA PHE C 73 10.11 -10.89 -15.63
C PHE C 73 8.62 -11.19 -15.52
N PRO C 74 8.24 -12.47 -15.34
CA PRO C 74 9.16 -13.59 -15.13
C PRO C 74 9.39 -14.42 -16.38
N TRP C 75 9.05 -13.87 -17.54
CA TRP C 75 9.06 -14.63 -18.77
C TRP C 75 10.49 -14.80 -19.29
N ASN C 76 10.69 -15.87 -20.05
CA ASN C 76 11.97 -16.21 -20.64
C ASN C 76 12.04 -15.94 -22.13
N PHE C 77 11.19 -15.04 -22.63
CA PHE C 77 11.20 -14.66 -24.03
C PHE C 77 10.76 -13.20 -24.13
N ASP C 78 11.03 -12.62 -25.29
CA ASP C 78 10.69 -11.23 -25.55
C ASP C 78 9.43 -11.13 -26.39
N MET C 79 8.45 -10.36 -25.89
CA MET C 79 7.15 -10.26 -26.53
C MET C 79 7.26 -9.61 -27.91
N ARG C 80 8.08 -8.58 -27.96
CA ARG C 80 8.22 -7.81 -29.17
C ARG C 80 8.95 -8.63 -30.24
N GLU C 81 9.51 -9.81 -29.89
CA GLU C 81 9.96 -10.79 -30.89
C GLU C 81 8.86 -11.74 -31.36
N ARG C 82 7.83 -11.99 -30.57
CA ARG C 82 6.80 -12.95 -30.97
C ARG C 82 5.57 -12.30 -31.57
N LEU C 83 5.43 -10.97 -31.40
CA LEU C 83 4.25 -10.20 -31.79
C LEU C 83 4.68 -8.87 -32.38
N ASN C 84 4.05 -8.46 -33.49
CA ASN C 84 4.27 -7.10 -34.02
C ASN C 84 3.24 -6.19 -33.39
N VAL C 85 3.67 -5.40 -32.41
CA VAL C 85 2.80 -4.50 -31.66
C VAL C 85 3.13 -3.06 -32.07
N VAL C 86 2.11 -2.31 -32.46
CA VAL C 86 2.31 -0.90 -32.75
C VAL C 86 1.30 -0.06 -31.97
N ASP C 87 1.71 1.14 -31.67
CA ASP C 87 0.88 2.12 -31.00
C ASP C 87 0.42 3.08 -32.08
N CYS C 88 -0.90 3.17 -32.28
CA CYS C 88 -1.49 4.10 -33.25
C CYS C 88 -1.89 5.43 -32.63
N GLY C 89 -1.44 5.74 -31.43
CA GLY C 89 -1.75 7.04 -30.85
C GLY C 89 -3.12 7.07 -30.19
N ASP C 90 -3.72 8.26 -30.17
CA ASP C 90 -5.01 8.47 -29.51
C ASP C 90 -6.11 8.68 -30.54
N LEU C 91 -7.33 8.36 -30.14
CA LEU C 91 -8.49 8.52 -31.00
C LEU C 91 -8.89 9.99 -31.07
N VAL C 92 -8.94 10.57 -32.29
CA VAL C 92 -9.28 11.97 -32.52
C VAL C 92 -10.78 12.12 -32.74
N TYR C 93 -11.40 13.01 -31.97
CA TYR C 93 -12.86 13.21 -32.04
C TYR C 93 -13.20 14.59 -31.50
N ALA C 94 -14.44 15.01 -31.63
CA ALA C 94 -14.87 16.33 -31.14
C ALA C 94 -14.74 16.41 -29.63
N PHE C 95 -14.01 17.42 -29.18
CA PHE C 95 -13.63 17.66 -27.76
C PHE C 95 -14.71 17.24 -26.75
N GLY C 96 -15.92 17.74 -26.90
CA GLY C 96 -16.91 17.41 -25.91
C GLY C 96 -17.77 16.22 -26.26
N ASP C 97 -17.91 15.91 -27.55
CA ASP C 97 -18.96 15.00 -28.00
C ASP C 97 -18.61 13.55 -27.69
N ALA C 98 -19.52 12.87 -27.01
CA ALA C 98 -19.27 11.46 -26.66
C ALA C 98 -19.88 10.57 -27.72
N ARG C 99 -20.94 11.03 -28.35
CA ARG C 99 -21.53 10.23 -29.44
C ARG C 99 -20.44 10.07 -30.48
N GLU C 100 -19.68 11.12 -30.78
CA GLU C 100 -18.71 11.01 -31.85
C GLU C 100 -17.56 10.11 -31.43
N MET C 101 -17.14 10.25 -30.16
CA MET C 101 -16.19 9.32 -29.56
C MET C 101 -16.64 7.89 -29.78
N SER C 102 -17.83 7.58 -29.31
CA SER C 102 -18.37 6.21 -29.38
C SER C 102 -18.42 5.69 -30.81
N GLU C 103 -18.81 6.52 -31.75
CA GLU C 103 -18.96 6.03 -33.12
C GLU C 103 -17.60 5.89 -33.80
N LYS C 104 -16.70 6.88 -33.63
CA LYS C 104 -15.34 6.75 -34.18
C LYS C 104 -14.55 5.63 -33.51
N LEU C 105 -14.87 5.30 -32.26
CA LEU C 105 -14.17 4.22 -31.58
C LEU C 105 -14.58 2.85 -32.14
N GLN C 106 -15.88 2.65 -32.30
CA GLN C 106 -16.39 1.39 -32.85
C GLN C 106 -15.94 1.27 -34.29
N ALA C 107 -15.92 2.38 -35.02
CA ALA C 107 -15.49 2.33 -36.41
C ALA C 107 -14.02 1.92 -36.49
N HIS C 108 -13.18 2.63 -35.75
CA HIS C 108 -11.78 2.27 -35.61
C HIS C 108 -11.64 0.79 -35.30
N ALA C 109 -12.37 0.30 -34.29
CA ALA C 109 -12.19 -1.08 -33.84
C ALA C 109 -12.57 -2.08 -34.93
N GLU C 110 -13.70 -1.83 -35.62
CA GLU C 110 -14.13 -2.67 -36.73
C GLU C 110 -13.11 -2.68 -37.86
N LYS C 111 -12.58 -1.52 -38.23
CA LYS C 111 -11.63 -1.55 -39.33
C LYS C 111 -10.39 -2.36 -38.94
N LEU C 112 -9.92 -2.21 -37.70
CA LEU C 112 -8.79 -3.00 -37.23
C LEU C 112 -9.11 -4.49 -37.24
N LEU C 113 -10.24 -4.89 -36.67
CA LEU C 113 -10.54 -6.30 -36.61
C LEU C 113 -10.68 -6.88 -38.01
N ALA C 114 -11.38 -6.17 -38.89
CA ALA C 114 -11.53 -6.67 -40.26
C ALA C 114 -10.18 -6.84 -40.95
N ALA C 115 -9.19 -6.02 -40.61
CA ALA C 115 -7.87 -6.19 -41.19
C ALA C 115 -7.08 -7.35 -40.59
N GLY C 116 -7.64 -8.04 -39.59
CA GLY C 116 -6.95 -9.13 -38.93
C GLY C 116 -6.19 -8.73 -37.68
N LYS C 117 -6.26 -7.47 -37.26
CA LYS C 117 -5.50 -7.01 -36.11
C LYS C 117 -6.29 -7.20 -34.81
N ARG C 118 -5.55 -7.22 -33.71
CA ARG C 118 -6.09 -7.33 -32.37
C ARG C 118 -5.73 -6.09 -31.56
N MET C 119 -6.53 -5.84 -30.52
CA MET C 119 -6.51 -4.55 -29.81
C MET C 119 -6.18 -4.70 -28.33
N LEU C 120 -5.18 -3.93 -27.90
CA LEU C 120 -4.97 -3.52 -26.52
C LEU C 120 -5.25 -2.01 -26.46
N SER C 121 -6.17 -1.60 -25.59
CA SER C 121 -6.67 -0.22 -25.60
C SER C 121 -6.55 0.43 -24.25
N PHE C 122 -6.16 1.70 -24.26
CA PHE C 122 -5.90 2.48 -23.05
C PHE C 122 -7.01 3.49 -22.83
N GLY C 123 -7.55 3.50 -21.62
CA GLY C 123 -8.54 4.49 -21.23
C GLY C 123 -7.94 5.43 -20.21
N GLY C 124 -8.70 6.48 -19.90
CA GLY C 124 -10.02 6.65 -20.47
C GLY C 124 -11.13 6.13 -19.55
N ASP C 125 -12.32 6.61 -19.83
CA ASP C 125 -13.51 6.19 -19.11
C ASP C 125 -13.81 4.73 -19.44
N HIS C 126 -14.38 4.02 -18.48
CA HIS C 126 -14.68 2.60 -18.70
C HIS C 126 -15.69 2.50 -19.83
N PHE C 127 -16.47 3.54 -20.02
CA PHE C 127 -17.54 3.53 -21.04
C PHE C 127 -16.91 3.22 -22.40
N VAL C 128 -15.64 3.56 -22.54
CA VAL C 128 -14.91 3.28 -23.77
C VAL C 128 -15.06 1.81 -24.17
N THR C 129 -15.42 0.97 -23.24
CA THR C 129 -15.51 -0.46 -23.51
C THR C 129 -16.72 -0.80 -24.38
N LEU C 130 -17.91 -0.21 -24.11
CA LEU C 130 -19.07 -0.46 -24.97
C LEU C 130 -18.77 -0.34 -26.46
N PRO C 131 -18.22 0.75 -26.99
CA PRO C 131 -17.87 0.73 -28.42
C PRO C 131 -17.02 -0.46 -28.77
N LEU C 132 -16.00 -0.75 -27.96
CA LEU C 132 -15.12 -1.88 -28.26
C LEU C 132 -15.88 -3.21 -28.28
N LEU C 133 -16.74 -3.48 -27.28
CA LEU C 133 -17.46 -4.76 -27.25
C LEU C 133 -18.32 -4.90 -28.48
N ARG C 134 -19.00 -3.82 -28.84
CA ARG C 134 -19.83 -3.82 -30.03
C ARG C 134 -19.01 -4.21 -31.24
N ALA C 135 -17.83 -3.59 -31.42
CA ALA C 135 -17.02 -3.90 -32.59
C ALA C 135 -16.53 -5.34 -32.54
N HIS C 136 -16.02 -5.76 -31.38
CA HIS C 136 -15.53 -7.12 -31.21
C HIS C 136 -16.63 -8.16 -31.43
N ALA C 137 -17.83 -7.91 -30.88
CA ALA C 137 -18.93 -8.86 -31.04
C ALA C 137 -19.19 -9.20 -32.51
N LYS C 138 -19.12 -8.19 -33.39
CA LYS C 138 -19.37 -8.42 -34.81
C LYS C 138 -18.36 -9.39 -35.41
N HIS C 139 -17.15 -9.41 -34.87
CA HIS C 139 -16.12 -10.29 -35.39
C HIS C 139 -15.89 -11.56 -34.58
N PHE C 140 -16.23 -11.61 -33.30
CA PHE C 140 -15.97 -12.81 -32.54
C PHE C 140 -17.24 -13.46 -32.00
N GLY C 141 -18.38 -12.87 -32.24
CA GLY C 141 -19.60 -13.39 -31.65
C GLY C 141 -19.77 -12.95 -30.21
N LYS C 142 -20.79 -13.50 -29.55
CA LYS C 142 -21.01 -13.21 -28.14
C LYS C 142 -19.79 -13.69 -27.36
N MET C 143 -19.38 -12.91 -26.36
CA MET C 143 -18.11 -13.11 -25.67
C MET C 143 -18.33 -13.34 -24.18
N ALA C 144 -17.35 -13.97 -23.56
CA ALA C 144 -17.27 -14.01 -22.11
C ALA C 144 -16.47 -12.82 -21.63
N LEU C 145 -16.94 -12.18 -20.58
CA LEU C 145 -16.30 -11.01 -20.03
C LEU C 145 -15.54 -11.40 -18.76
N VAL C 146 -14.24 -11.16 -18.77
CA VAL C 146 -13.41 -11.16 -17.58
C VAL C 146 -13.18 -9.69 -17.22
N HIS C 147 -13.73 -9.28 -16.08
CA HIS C 147 -13.87 -7.88 -15.68
C HIS C 147 -13.19 -7.68 -14.34
N PHE C 148 -12.14 -6.87 -14.28
CA PHE C 148 -11.47 -6.58 -12.99
C PHE C 148 -11.93 -5.19 -12.61
N ASP C 149 -12.56 -5.00 -11.47
CA ASP C 149 -13.10 -3.67 -11.08
C ASP C 149 -13.64 -3.79 -9.67
N ALA C 150 -13.80 -2.66 -9.00
CA ALA C 150 -14.47 -2.67 -7.71
C ALA C 150 -15.96 -2.48 -7.86
N HIS C 151 -16.37 -2.15 -9.07
CA HIS C 151 -17.79 -1.91 -9.39
C HIS C 151 -18.22 -2.94 -10.42
N THR C 152 -19.43 -3.44 -10.37
CA THR C 152 -19.89 -4.37 -11.39
C THR C 152 -20.31 -3.68 -12.68
N ASP C 153 -20.55 -2.39 -12.62
CA ASP C 153 -20.88 -1.58 -13.82
C ASP C 153 -22.08 -2.18 -14.57
N THR C 154 -23.14 -2.51 -13.85
CA THR C 154 -24.38 -3.08 -14.38
C THR C 154 -25.58 -2.20 -14.04
N TYR C 155 -25.38 -0.88 -13.98
CA TYR C 155 -26.39 0.01 -13.42
C TYR C 155 -27.59 0.14 -14.37
N ALA C 156 -28.78 -0.12 -13.82
CA ALA C 156 -29.95 -0.32 -14.68
C ALA C 156 -30.39 0.97 -15.34
N ASN C 157 -30.54 2.04 -14.55
CA ASN C 157 -31.05 3.34 -15.04
C ASN C 157 -30.02 4.45 -14.80
N GLY C 158 -29.18 4.69 -15.82
CA GLY C 158 -28.23 5.77 -15.75
C GLY C 158 -28.29 6.59 -17.02
N CYS C 159 -27.30 7.47 -17.23
CA CYS C 159 -27.29 8.34 -18.43
C CYS C 159 -26.91 7.54 -19.67
N GLU C 160 -27.04 8.11 -20.86
CA GLU C 160 -26.68 7.35 -22.08
C GLU C 160 -25.19 6.99 -22.05
N PHE C 161 -24.35 7.90 -21.58
CA PHE C 161 -22.89 7.68 -21.50
C PHE C 161 -22.40 7.47 -20.07
N ASP C 162 -23.21 6.94 -19.16
CA ASP C 162 -22.70 6.70 -17.78
C ASP C 162 -21.67 5.59 -17.82
N HIS C 163 -20.57 5.73 -17.07
CA HIS C 163 -19.53 4.67 -17.07
C HIS C 163 -19.83 3.57 -16.06
N GLY C 164 -21.05 3.50 -15.54
CA GLY C 164 -21.36 2.41 -14.60
C GLY C 164 -22.54 1.64 -15.11
N THR C 165 -22.85 1.82 -16.38
CA THR C 165 -24.04 1.18 -16.93
C THR C 165 -23.73 0.29 -18.13
N MET C 166 -22.45 0.12 -18.50
CA MET C 166 -22.16 -0.53 -19.77
C MET C 166 -22.32 -2.05 -19.75
N PHE C 167 -22.21 -2.69 -18.58
CA PHE C 167 -22.35 -4.14 -18.56
C PHE C 167 -23.73 -4.58 -18.14
N TYR C 168 -24.65 -3.62 -18.03
CA TYR C 168 -26.08 -3.79 -18.27
C TYR C 168 -26.40 -3.73 -19.75
N THR C 169 -25.86 -2.73 -20.47
CA THR C 169 -26.20 -2.54 -21.88
C THR C 169 -25.65 -3.65 -22.75
N ALA C 170 -24.44 -4.13 -22.44
CA ALA C 170 -23.77 -5.12 -23.29
C ALA C 170 -24.50 -6.45 -23.36
N PRO C 171 -24.93 -7.06 -22.25
CA PRO C 171 -25.75 -8.28 -22.41
C PRO C 171 -27.05 -8.00 -23.16
N LYS C 172 -27.70 -6.86 -22.91
CA LYS C 172 -28.97 -6.58 -23.57
C LYS C 172 -28.81 -6.43 -25.08
N GLU C 173 -27.67 -5.92 -25.54
CA GLU C 173 -27.38 -5.88 -26.96
C GLU C 173 -26.70 -7.16 -27.46
N GLY C 174 -26.74 -8.25 -26.68
CA GLY C 174 -26.19 -9.54 -27.08
C GLY C 174 -24.69 -9.55 -27.35
N LEU C 175 -23.92 -8.66 -26.71
CA LEU C 175 -22.47 -8.56 -26.87
C LEU C 175 -21.71 -9.54 -25.98
N ILE C 176 -22.15 -9.71 -24.74
CA ILE C 176 -21.52 -10.66 -23.82
C ILE C 176 -22.60 -11.51 -23.16
N ASP C 177 -22.19 -12.71 -22.75
CA ASP C 177 -23.00 -13.69 -22.02
C ASP C 177 -22.66 -13.63 -20.54
N PRO C 178 -23.51 -13.02 -19.69
CA PRO C 178 -23.22 -12.97 -18.25
C PRO C 178 -22.92 -14.31 -17.64
N ASN C 179 -23.62 -15.34 -18.07
CA ASN C 179 -23.53 -16.69 -17.52
C ASN C 179 -22.18 -17.35 -17.77
N HIS C 180 -21.30 -16.74 -18.55
CA HIS C 180 -19.92 -17.18 -18.68
C HIS C 180 -18.94 -16.03 -18.45
N SER C 181 -19.40 -14.95 -17.83
CA SER C 181 -18.58 -13.79 -17.49
C SER C 181 -18.25 -13.80 -16.01
N VAL C 182 -17.14 -13.18 -15.66
CA VAL C 182 -16.72 -13.15 -14.26
C VAL C 182 -16.21 -11.76 -13.90
N GLN C 183 -16.61 -11.28 -12.73
CA GLN C 183 -16.32 -9.96 -12.22
C GLN C 183 -15.49 -10.11 -10.96
N ILE C 184 -14.25 -9.61 -11.00
CA ILE C 184 -13.24 -9.90 -10.00
C ILE C 184 -12.87 -8.63 -9.26
N GLY C 185 -12.85 -8.73 -7.93
CA GLY C 185 -12.42 -7.65 -7.06
C GLY C 185 -13.52 -6.72 -6.60
N ILE C 186 -14.78 -7.15 -6.68
CA ILE C 186 -15.93 -6.29 -6.38
C ILE C 186 -15.97 -5.96 -4.90
N ARG C 187 -16.36 -4.72 -4.59
CA ARG C 187 -16.26 -4.26 -3.22
C ARG C 187 -17.42 -3.35 -2.89
N THR C 188 -18.41 -3.19 -3.79
CA THR C 188 -19.52 -2.25 -3.65
C THR C 188 -20.82 -2.97 -3.93
N GLU C 189 -21.94 -2.37 -3.53
CA GLU C 189 -23.26 -2.93 -3.84
C GLU C 189 -23.38 -3.37 -5.29
N PHE C 190 -23.92 -4.58 -5.50
CA PHE C 190 -24.19 -5.13 -6.83
C PHE C 190 -25.44 -5.97 -6.76
N ASP C 191 -25.90 -6.43 -7.93
CA ASP C 191 -27.11 -7.24 -8.06
C ASP C 191 -26.71 -8.71 -8.10
N LYS C 192 -27.11 -9.47 -7.09
CA LYS C 192 -26.61 -10.83 -6.90
C LYS C 192 -27.26 -11.84 -7.83
N ASP C 193 -28.13 -11.42 -8.76
CA ASP C 193 -28.85 -12.34 -9.63
C ASP C 193 -28.79 -11.92 -11.10
N ASN C 194 -27.60 -11.63 -11.64
CA ASN C 194 -27.42 -11.28 -13.05
C ASN C 194 -26.97 -12.44 -13.90
N GLY C 195 -26.66 -13.58 -13.30
CA GLY C 195 -25.88 -14.56 -14.02
C GLY C 195 -24.39 -14.25 -14.05
N PHE C 196 -24.00 -12.99 -13.81
CA PHE C 196 -22.61 -12.67 -13.62
C PHE C 196 -22.12 -13.33 -12.35
N THR C 197 -20.97 -13.98 -12.44
CA THR C 197 -20.35 -14.53 -11.25
C THR C 197 -19.41 -13.47 -10.68
N VAL C 198 -19.69 -13.03 -9.46
CA VAL C 198 -18.93 -11.99 -8.80
C VAL C 198 -17.93 -12.65 -7.86
N LEU C 199 -16.63 -12.53 -8.17
CA LEU C 199 -15.59 -12.94 -7.23
C LEU C 199 -15.10 -11.67 -6.53
N ASP C 200 -15.68 -11.39 -5.38
CA ASP C 200 -15.49 -10.12 -4.69
C ASP C 200 -14.11 -10.08 -4.03
N ALA C 201 -13.63 -8.86 -3.77
CA ALA C 201 -12.26 -8.71 -3.26
C ALA C 201 -12.05 -9.50 -1.97
N CYS C 202 -13.06 -9.56 -1.10
CA CYS C 202 -12.93 -10.30 0.16
C CYS C 202 -12.43 -11.73 -0.06
N GLN C 203 -13.12 -12.50 -0.90
CA GLN C 203 -12.71 -13.88 -1.12
C GLN C 203 -11.47 -14.00 -1.99
N VAL C 204 -11.39 -13.18 -3.05
CA VAL C 204 -10.20 -13.15 -3.87
C VAL C 204 -8.96 -12.94 -3.02
N ASN C 205 -9.04 -12.03 -2.04
CA ASN C 205 -7.89 -11.81 -1.16
C ASN C 205 -7.66 -12.98 -0.21
N ASP C 206 -8.68 -13.78 0.11
CA ASP C 206 -8.51 -14.89 1.05
C ASP C 206 -8.37 -16.25 0.38
N ARG C 207 -8.32 -16.29 -0.95
CA ARG C 207 -8.22 -17.53 -1.71
C ARG C 207 -6.93 -17.52 -2.52
N SER C 208 -6.44 -18.70 -2.86
CA SER C 208 -5.21 -18.77 -3.64
C SER C 208 -5.49 -18.37 -5.09
N VAL C 209 -4.44 -17.90 -5.76
CA VAL C 209 -4.58 -17.49 -7.16
C VAL C 209 -5.01 -18.68 -8.01
N ASP C 210 -4.35 -19.83 -7.81
CA ASP C 210 -4.74 -21.06 -8.51
C ASP C 210 -6.22 -21.38 -8.33
N ASP C 211 -6.67 -21.44 -7.07
CA ASP C 211 -8.07 -21.63 -6.76
C ASP C 211 -8.96 -20.73 -7.63
N VAL C 212 -8.67 -19.41 -7.65
CA VAL C 212 -9.53 -18.47 -8.35
C VAL C 212 -9.43 -18.65 -9.86
N ILE C 213 -8.23 -18.91 -10.38
CA ILE C 213 -8.11 -19.13 -11.81
C ILE C 213 -8.88 -20.38 -12.22
N ALA C 214 -8.75 -21.45 -11.43
CA ALA C 214 -9.50 -22.67 -11.69
C ALA C 214 -10.99 -22.36 -11.85
N GLN C 215 -11.55 -21.64 -10.87
CA GLN C 215 -12.97 -21.27 -10.94
C GLN C 215 -13.27 -20.42 -12.17
N VAL C 216 -12.39 -19.47 -12.48
CA VAL C 216 -12.56 -18.64 -13.67
C VAL C 216 -12.60 -19.52 -14.92
N LYS C 217 -11.60 -20.38 -15.11
CA LYS C 217 -11.56 -21.21 -16.32
C LYS C 217 -12.83 -22.05 -16.45
N GLN C 218 -13.35 -22.53 -15.33
CA GLN C 218 -14.55 -23.37 -15.34
C GLN C 218 -15.72 -22.58 -15.92
N ILE C 219 -15.83 -21.31 -15.55
CA ILE C 219 -16.95 -20.47 -15.99
C ILE C 219 -16.78 -20.06 -17.46
N VAL C 220 -15.58 -19.62 -17.84
CA VAL C 220 -15.42 -19.01 -19.17
C VAL C 220 -15.70 -20.05 -20.26
N GLY C 221 -15.18 -21.28 -20.05
CA GLY C 221 -15.06 -22.24 -21.12
C GLY C 221 -14.08 -21.78 -22.19
N ASP C 222 -14.25 -22.38 -23.32
CA ASP C 222 -13.50 -22.09 -24.53
C ASP C 222 -14.08 -20.92 -25.28
N MET C 223 -15.04 -20.22 -24.66
CA MET C 223 -15.65 -19.05 -25.26
C MET C 223 -14.61 -17.94 -25.43
N PRO C 224 -14.73 -17.10 -26.46
CA PRO C 224 -13.77 -16.00 -26.63
C PRO C 224 -13.95 -14.94 -25.56
N VAL C 225 -12.84 -14.42 -25.04
CA VAL C 225 -12.89 -13.52 -23.89
C VAL C 225 -12.47 -12.11 -24.28
N TYR C 226 -13.24 -11.12 -23.82
CA TYR C 226 -12.78 -9.74 -23.73
C TYR C 226 -12.31 -9.47 -22.30
N LEU C 227 -11.06 -9.03 -22.14
CA LEU C 227 -10.48 -8.73 -20.84
C LEU C 227 -10.39 -7.23 -20.59
N THR C 228 -11.19 -6.72 -19.65
CA THR C 228 -11.22 -5.28 -19.34
C THR C 228 -10.86 -5.07 -17.88
N PHE C 229 -9.94 -4.13 -17.66
CA PHE C 229 -9.43 -3.92 -16.29
C PHE C 229 -9.44 -2.46 -15.87
N ASP C 230 -10.37 -2.15 -15.01
CA ASP C 230 -10.52 -0.83 -14.39
C ASP C 230 -9.51 -0.87 -13.26
N ILE C 231 -8.69 0.17 -13.14
CA ILE C 231 -7.56 0.18 -12.23
C ILE C 231 -8.02 0.29 -10.78
N ASP C 232 -9.24 0.79 -10.56
CA ASP C 232 -9.91 0.96 -9.24
C ASP C 232 -10.08 -0.40 -8.58
N CYS C 233 -9.88 -1.48 -9.33
CA CYS C 233 -9.87 -2.83 -8.76
C CYS C 233 -8.75 -3.04 -7.75
N LEU C 234 -7.59 -2.45 -7.99
CA LEU C 234 -6.51 -2.41 -7.03
C LEU C 234 -6.87 -1.50 -5.85
N ASP C 235 -6.38 -1.87 -4.66
CA ASP C 235 -6.61 -1.08 -3.47
C ASP C 235 -6.05 0.35 -3.66
N PRO C 236 -6.66 1.37 -3.05
CA PRO C 236 -6.16 2.75 -3.32
C PRO C 236 -4.71 2.95 -2.93
N ALA C 237 -4.24 2.24 -1.92
CA ALA C 237 -2.82 2.32 -1.59
C ALA C 237 -1.95 1.85 -2.76
N PHE C 238 -2.35 0.79 -3.47
CA PHE C 238 -1.53 0.41 -4.61
C PHE C 238 -1.82 1.29 -5.81
N ALA C 239 -3.06 1.73 -5.99
CA ALA C 239 -3.41 2.51 -7.17
C ALA C 239 -4.29 3.68 -6.72
N PRO C 240 -3.69 4.74 -6.18
CA PRO C 240 -4.51 5.87 -5.71
C PRO C 240 -5.10 6.74 -6.83
N GLY C 241 -4.57 6.68 -8.05
CA GLY C 241 -4.94 7.58 -9.11
C GLY C 241 -6.15 7.17 -9.93
N THR C 242 -7.31 7.17 -9.28
CA THR C 242 -8.56 6.79 -9.90
C THR C 242 -9.68 7.67 -9.35
N GLY C 243 -10.77 7.76 -10.10
CA GLY C 243 -11.86 8.64 -9.69
C GLY C 243 -12.83 8.04 -8.68
N THR C 244 -13.02 6.75 -8.71
CA THR C 244 -14.01 6.23 -7.77
C THR C 244 -13.26 5.20 -6.96
N PRO C 245 -12.31 5.46 -5.84
CA PRO C 245 -11.56 4.52 -5.00
C PRO C 245 -12.46 3.75 -4.05
N VAL C 246 -12.07 2.53 -3.73
CA VAL C 246 -12.72 1.73 -2.70
C VAL C 246 -11.64 0.97 -1.96
N ILE C 247 -11.65 0.99 -0.62
CA ILE C 247 -10.59 0.35 0.16
C ILE C 247 -10.82 -1.14 0.15
N GLY C 248 -9.87 -1.90 0.70
CA GLY C 248 -9.96 -3.35 0.74
C GLY C 248 -9.82 -4.04 -0.60
N GLY C 249 -9.09 -3.44 -1.54
CA GLY C 249 -8.88 -4.00 -2.85
C GLY C 249 -7.75 -5.00 -2.93
N LEU C 250 -7.31 -5.25 -4.14
CA LEU C 250 -6.28 -6.24 -4.42
C LEU C 250 -4.90 -5.59 -4.40
N THR C 251 -3.87 -6.40 -4.21
CA THR C 251 -2.53 -5.90 -4.40
C THR C 251 -2.18 -5.98 -5.87
N SER C 252 -1.15 -5.21 -6.23
CA SER C 252 -0.68 -5.29 -7.61
C SER C 252 -0.05 -6.64 -7.87
N ASP C 253 0.60 -7.21 -6.85
CA ASP C 253 1.12 -8.57 -6.98
C ASP C 253 0.02 -9.59 -7.28
N ARG C 254 -1.12 -9.51 -6.58
CA ARG C 254 -2.21 -10.46 -6.86
C ARG C 254 -2.85 -10.21 -8.21
N ALA C 255 -3.03 -8.94 -8.58
CA ALA C 255 -3.58 -8.64 -9.89
C ALA C 255 -2.75 -9.26 -11.00
N ILE C 256 -1.43 -9.05 -10.95
CA ILE C 256 -0.56 -9.53 -12.01
C ILE C 256 -0.56 -11.06 -12.06
N LYS C 257 -0.60 -11.72 -10.89
CA LYS C 257 -0.63 -13.19 -10.90
C LYS C 257 -1.92 -13.70 -11.51
N LEU C 258 -3.04 -13.06 -11.18
CA LEU C 258 -4.32 -13.46 -11.75
C LEU C 258 -4.33 -13.24 -13.26
N VAL C 259 -3.92 -12.06 -13.71
CA VAL C 259 -3.88 -11.81 -15.15
C VAL C 259 -3.03 -12.88 -15.82
N ARG C 260 -1.89 -13.21 -15.22
CA ARG C 260 -0.98 -14.19 -15.79
C ARG C 260 -1.65 -15.55 -15.89
N GLY C 261 -2.48 -15.89 -14.91
CA GLY C 261 -3.22 -17.14 -14.87
C GLY C 261 -4.25 -17.32 -15.97
N LEU C 262 -4.57 -16.26 -16.72
CA LEU C 262 -5.56 -16.32 -17.78
C LEU C 262 -4.92 -16.73 -19.09
N LYS C 263 -3.69 -17.24 -19.07
CA LYS C 263 -2.94 -17.47 -20.30
C LYS C 263 -3.70 -18.38 -21.26
N ASP C 264 -4.30 -19.43 -20.73
CA ASP C 264 -4.90 -20.48 -21.53
C ASP C 264 -6.33 -20.17 -21.96
N LEU C 265 -6.85 -19.00 -21.58
CA LEU C 265 -8.13 -18.58 -22.13
C LEU C 265 -7.94 -17.98 -23.52
N ASN C 266 -9.05 -17.90 -24.25
CA ASN C 266 -9.10 -17.36 -25.62
C ASN C 266 -9.44 -15.87 -25.58
N ILE C 267 -8.44 -15.08 -25.20
CA ILE C 267 -8.67 -13.65 -25.02
C ILE C 267 -8.48 -12.95 -26.37
N VAL C 268 -9.59 -12.46 -26.94
CA VAL C 268 -9.54 -11.82 -28.26
C VAL C 268 -9.17 -10.33 -28.16
N GLY C 269 -9.42 -9.68 -27.03
CA GLY C 269 -9.16 -8.25 -26.91
C GLY C 269 -9.13 -7.85 -25.47
N MET C 270 -8.57 -6.67 -25.22
CA MET C 270 -8.23 -6.30 -23.87
C MET C 270 -8.11 -4.78 -23.73
N ASP C 271 -8.34 -4.27 -22.51
CA ASP C 271 -8.20 -2.84 -22.26
C ASP C 271 -8.02 -2.57 -20.77
N VAL C 272 -7.35 -1.44 -20.47
CA VAL C 272 -7.12 -0.96 -19.10
C VAL C 272 -7.59 0.48 -19.08
N VAL C 273 -8.39 0.83 -18.08
CA VAL C 273 -9.20 2.05 -18.08
C VAL C 273 -9.10 2.72 -16.71
N GLU C 274 -9.74 3.88 -16.63
CA GLU C 274 -9.96 4.72 -15.42
C GLU C 274 -8.70 5.24 -14.74
N VAL C 275 -7.56 5.22 -15.38
CA VAL C 275 -6.37 5.78 -14.74
C VAL C 275 -6.46 7.30 -14.81
N ALA C 276 -6.58 7.93 -13.66
CA ALA C 276 -6.72 9.38 -13.56
C ALA C 276 -5.43 9.94 -13.01
N PRO C 277 -4.49 10.40 -13.87
CA PRO C 277 -3.20 10.90 -13.37
C PRO C 277 -3.29 11.99 -12.32
N ALA C 278 -4.37 12.78 -12.28
CA ALA C 278 -4.47 13.87 -11.31
C ALA C 278 -4.51 13.38 -9.87
N TYR C 279 -4.85 12.10 -9.66
CA TYR C 279 -4.87 11.52 -8.33
C TYR C 279 -3.77 10.49 -8.14
N ASP C 280 -2.80 10.44 -9.04
CA ASP C 280 -1.72 9.47 -8.96
C ASP C 280 -0.70 9.97 -7.94
N GLN C 281 0.10 9.06 -7.40
CA GLN C 281 1.15 9.41 -6.45
C GLN C 281 2.44 8.78 -6.92
N SER C 282 3.39 9.61 -7.33
CA SER C 282 4.64 9.10 -7.86
C SER C 282 4.41 8.03 -8.92
N GLU C 283 3.34 8.21 -9.70
CA GLU C 283 3.10 7.43 -10.90
C GLU C 283 2.79 5.94 -10.64
N ILE C 284 2.48 5.53 -9.40
CA ILE C 284 2.41 4.09 -9.15
C ILE C 284 1.14 3.51 -9.73
N THR C 285 0.13 4.36 -9.96
CA THR C 285 -1.09 3.87 -10.60
C THR C 285 -0.85 3.65 -12.10
N ALA C 286 -0.20 4.62 -12.76
CA ALA C 286 0.13 4.41 -14.17
C ALA C 286 1.11 3.26 -14.32
N LEU C 287 2.03 3.08 -13.37
CA LEU C 287 2.95 1.94 -13.46
C LEU C 287 2.20 0.62 -13.35
N ALA C 288 1.21 0.53 -12.45
CA ALA C 288 0.42 -0.68 -12.36
C ALA C 288 -0.29 -0.97 -13.68
N ALA C 289 -0.89 0.05 -14.30
CA ALA C 289 -1.60 -0.19 -15.55
C ALA C 289 -0.64 -0.65 -16.65
N ALA C 290 0.50 0.04 -16.81
CA ALA C 290 1.47 -0.31 -17.84
C ALA C 290 2.00 -1.73 -17.63
N THR C 291 2.27 -2.12 -16.39
CA THR C 291 2.71 -3.47 -16.11
C THR C 291 1.60 -4.48 -16.41
N LEU C 292 0.36 -4.19 -16.00
CA LEU C 292 -0.73 -5.09 -16.35
C LEU C 292 -0.92 -5.18 -17.86
N ALA C 293 -0.93 -4.04 -18.55
CA ALA C 293 -1.05 -4.05 -20.01
C ALA C 293 0.06 -4.88 -20.65
N LEU C 294 1.29 -4.79 -20.13
CA LEU C 294 2.37 -5.58 -20.71
C LEU C 294 2.15 -7.07 -20.45
N GLU C 295 1.65 -7.42 -19.26
CA GLU C 295 1.35 -8.81 -18.96
C GLU C 295 0.26 -9.35 -19.88
N MET C 296 -0.75 -8.52 -20.17
CA MET C 296 -1.76 -8.89 -21.16
C MET C 296 -1.12 -9.21 -22.50
N LEU C 297 -0.12 -8.42 -22.92
CA LEU C 297 0.64 -8.81 -24.11
C LEU C 297 1.44 -10.09 -23.89
N TYR C 298 2.16 -10.24 -22.77
CA TYR C 298 2.99 -11.44 -22.70
C TYR C 298 2.17 -12.71 -22.73
N ILE C 299 0.98 -12.72 -22.13
CA ILE C 299 0.24 -13.98 -22.16
C ILE C 299 -0.23 -14.30 -23.56
N GLN C 300 -0.50 -13.29 -24.38
CA GLN C 300 -0.77 -13.51 -25.80
C GLN C 300 0.44 -14.09 -26.51
N ALA C 301 1.63 -13.54 -26.25
CA ALA C 301 2.84 -14.02 -26.90
C ALA C 301 3.21 -15.42 -26.43
N ALA C 302 2.96 -15.71 -25.16
CA ALA C 302 3.32 -17.00 -24.58
C ALA C 302 2.51 -18.14 -25.16
N LYS C 303 1.34 -17.90 -25.75
CA LYS C 303 0.64 -18.97 -26.43
C LYS C 303 1.26 -19.29 -27.78
N LYS C 304 2.43 -18.74 -28.11
CA LYS C 304 3.05 -19.00 -29.41
C LYS C 304 4.51 -19.49 -29.34
MN MN D . 16.85 -1.76 -7.25
MN MN E . 19.61 -2.12 -6.62
C GAI F . 19.04 -0.59 -8.72
N1 GAI F . 20.07 -0.48 -7.70
N2 GAI F . 17.90 -0.13 -8.52
N3 GAI F . 19.35 -1.25 -9.98
C GAI G . 19.62 -5.24 -13.41
N1 GAI G . 20.63 -5.86 -13.72
N2 GAI G . 18.50 -5.95 -12.86
N3 GAI G . 19.57 -3.83 -13.62
MN MN H . -1.64 5.61 17.36
MN MN I . -3.58 6.23 19.52
C GAI J . -1.38 7.98 19.13
N1 GAI J . -0.32 8.35 19.70
N2 GAI J . -1.34 7.56 17.74
N3 GAI J . -2.64 7.98 19.85
MN MN K . -14.27 0.71 -10.88
MN MN L . -15.67 0.13 -14.06
C GAI M . -16.28 2.18 -12.99
N1 GAI M . -15.34 2.11 -11.87
N2 GAI M . -17.69 2.29 -12.73
N3 GAI M . -15.85 2.13 -14.16
#